data_6IY4
# 
_entry.id   6IY4 
# 
_audit_conform.dict_name       mmcif_pdbx.dic 
_audit_conform.dict_version    5.397 
_audit_conform.dict_location   http://mmcif.pdb.org/dictionaries/ascii/mmcif_pdbx.dic 
# 
loop_
_database_2.database_id 
_database_2.database_code 
_database_2.pdbx_database_accession 
_database_2.pdbx_DOI 
PDB   6IY4         pdb_00006iy4 10.2210/pdb6iy4/pdb 
WWPDB D_1300010144 ?            ?                   
# 
loop_
_pdbx_audit_revision_history.ordinal 
_pdbx_audit_revision_history.data_content_type 
_pdbx_audit_revision_history.major_revision 
_pdbx_audit_revision_history.minor_revision 
_pdbx_audit_revision_history.revision_date 
1 'Structure model' 1 0 2019-12-18 
2 'Structure model' 1 1 2023-11-22 
3 'Structure model' 1 2 2024-10-16 
# 
_pdbx_audit_revision_details.ordinal             1 
_pdbx_audit_revision_details.revision_ordinal    1 
_pdbx_audit_revision_details.data_content_type   'Structure model' 
_pdbx_audit_revision_details.provider            repository 
_pdbx_audit_revision_details.type                'Initial release' 
_pdbx_audit_revision_details.description         ? 
_pdbx_audit_revision_details.details             ? 
# 
loop_
_pdbx_audit_revision_group.ordinal 
_pdbx_audit_revision_group.revision_ordinal 
_pdbx_audit_revision_group.data_content_type 
_pdbx_audit_revision_group.group 
1 2 'Structure model' 'Data collection'        
2 2 'Structure model' 'Database references'    
3 2 'Structure model' 'Refinement description' 
4 3 'Structure model' 'Structure summary'      
# 
loop_
_pdbx_audit_revision_category.ordinal 
_pdbx_audit_revision_category.revision_ordinal 
_pdbx_audit_revision_category.data_content_type 
_pdbx_audit_revision_category.category 
1 2 'Structure model' chem_comp_atom                
2 2 'Structure model' chem_comp_bond                
3 2 'Structure model' database_2                    
4 2 'Structure model' pdbx_initial_refinement_model 
5 3 'Structure model' pdbx_entry_details            
6 3 'Structure model' pdbx_modification_feature     
# 
loop_
_pdbx_audit_revision_item.ordinal 
_pdbx_audit_revision_item.revision_ordinal 
_pdbx_audit_revision_item.data_content_type 
_pdbx_audit_revision_item.item 
1 2 'Structure model' '_database_2.pdbx_DOI'                         
2 2 'Structure model' '_database_2.pdbx_database_accession'          
3 3 'Structure model' '_pdbx_entry_details.has_protein_modification' 
# 
_pdbx_database_status.status_code                     REL 
_pdbx_database_status.status_code_sf                  REL 
_pdbx_database_status.status_code_mr                  ? 
_pdbx_database_status.entry_id                        6IY4 
_pdbx_database_status.recvd_initial_deposition_date   2018-12-12 
_pdbx_database_status.SG_entry                        N 
_pdbx_database_status.deposit_site                    PDBJ 
_pdbx_database_status.process_site                    PDBJ 
_pdbx_database_status.status_code_cs                  ? 
_pdbx_database_status.methods_development_category    CAPRI 
_pdbx_database_status.pdb_format_compatible           Y 
_pdbx_database_status.status_code_nmr_data            ? 
# 
loop_
_audit_author.name 
_audit_author.pdbx_ordinal 
_audit_author.identifier_ORCID 
'Hao, J.H.'   1 0000-0002-7634-7567 
'Zhang, L.H.' 2 ?                   
# 
_citation.abstract                  ? 
_citation.abstract_id_CAS           ? 
_citation.book_id_ISBN              ? 
_citation.book_publisher            ? 
_citation.book_publisher_city       ? 
_citation.book_title                ? 
_citation.coordinate_linkage        ? 
_citation.country                   ? 
_citation.database_id_Medline       ? 
_citation.details                   ? 
_citation.id                        primary 
_citation.journal_abbrev            'To be published' 
_citation.journal_id_ASTM           ? 
_citation.journal_id_CSD            0353 
_citation.journal_id_ISSN           ? 
_citation.journal_full              ? 
_citation.journal_issue             ? 
_citation.journal_volume            ? 
_citation.language                  ? 
_citation.page_first                ? 
_citation.page_last                 ? 
_citation.title                     'Crystal structure of a psychrophilic marine protease MP inhibitor' 
_citation.year                      ? 
_citation.database_id_CSD           ? 
_citation.pdbx_database_id_DOI      ? 
_citation.pdbx_database_id_PubMed   ? 
_citation.unpublished_flag          ? 
# 
_citation_author.citation_id        primary 
_citation_author.name               'Hao, J.H.' 
_citation_author.ordinal            1 
_citation_author.identifier_ORCID   0000-0002-7634-7567 
# 
loop_
_entity.id 
_entity.type 
_entity.src_method 
_entity.pdbx_description 
_entity.formula_weight 
_entity.pdbx_number_of_molecules 
_entity.pdbx_ec 
_entity.pdbx_mutation 
_entity.pdbx_fragment 
_entity.details 
1 polymer nat LupI  10104.364 1  ? ? ? ? 
2 water   nat water 18.015    13 ? ? ? ? 
# 
_entity_poly.entity_id                      1 
_entity_poly.type                           'polypeptide(L)' 
_entity_poly.nstd_linkage                   no 
_entity_poly.nstd_monomer                   no 
_entity_poly.pdbx_seq_one_letter_code       
;LSPAQVAGSWTFYVQGAEQDACTVTLKKDRTFSAQVSCLQAWLGRTPTTWSPTPDGLLLIGKDGSQSLFLELREAGRYEG
SVEGSKTLVMQRA
;
_entity_poly.pdbx_seq_one_letter_code_can   
;LSPAQVAGSWTFYVQGAEQDACTVTLKKDRTFSAQVSCLQAWLGRTPTTWSPTPDGLLLIGKDGSQSLFLELREAGRYEG
SVEGSKTLVMQRA
;
_entity_poly.pdbx_strand_id                 I 
_entity_poly.pdbx_target_identifier         ? 
# 
_pdbx_entity_nonpoly.entity_id   2 
_pdbx_entity_nonpoly.name        water 
_pdbx_entity_nonpoly.comp_id     HOH 
# 
loop_
_entity_poly_seq.entity_id 
_entity_poly_seq.num 
_entity_poly_seq.mon_id 
_entity_poly_seq.hetero 
1 1  LEU n 
1 2  SER n 
1 3  PRO n 
1 4  ALA n 
1 5  GLN n 
1 6  VAL n 
1 7  ALA n 
1 8  GLY n 
1 9  SER n 
1 10 TRP n 
1 11 THR n 
1 12 PHE n 
1 13 TYR n 
1 14 VAL n 
1 15 GLN n 
1 16 GLY n 
1 17 ALA n 
1 18 GLU n 
1 19 GLN n 
1 20 ASP n 
1 21 ALA n 
1 22 CYS n 
1 23 THR n 
1 24 VAL n 
1 25 THR n 
1 26 LEU n 
1 27 LYS n 
1 28 LYS n 
1 29 ASP n 
1 30 ARG n 
1 31 THR n 
1 32 PHE n 
1 33 SER n 
1 34 ALA n 
1 35 GLN n 
1 36 VAL n 
1 37 SER n 
1 38 CYS n 
1 39 LEU n 
1 40 GLN n 
1 41 ALA n 
1 42 TRP n 
1 43 LEU n 
1 44 GLY n 
1 45 ARG n 
1 46 THR n 
1 47 PRO n 
1 48 THR n 
1 49 THR n 
1 50 TRP n 
1 51 SER n 
1 52 PRO n 
1 53 THR n 
1 54 PRO n 
1 55 ASP n 
1 56 GLY n 
1 57 LEU n 
1 58 LEU n 
1 59 LEU n 
1 60 ILE n 
1 61 GLY n 
1 62 LYS n 
1 63 ASP n 
1 64 GLY n 
1 65 SER n 
1 66 GLN n 
1 67 SER n 
1 68 LEU n 
1 69 PHE n 
1 70 LEU n 
1 71 GLU n 
1 72 LEU n 
1 73 ARG n 
1 74 GLU n 
1 75 ALA n 
1 76 GLY n 
1 77 ARG n 
1 78 TYR n 
1 79 GLU n 
1 80 GLY n 
1 81 SER n 
1 82 VAL n 
1 83 GLU n 
1 84 GLY n 
1 85 SER n 
1 86 LYS n 
1 87 THR n 
1 88 LEU n 
1 89 VAL n 
1 90 MET n 
1 91 GLN n 
1 92 ARG n 
1 93 ALA n 
# 
_entity_src_nat.entity_id                  1 
_entity_src_nat.pdbx_src_id                1 
_entity_src_nat.pdbx_alt_source_flag       sample 
_entity_src_nat.pdbx_beg_seq_num           1 
_entity_src_nat.pdbx_end_seq_num           93 
_entity_src_nat.common_name                'marine bacterium Flavobacterium sp. YS-80-122' 
_entity_src_nat.pdbx_organism_scientific   'Flavobacterium sp. YS-80-122' 
_entity_src_nat.pdbx_ncbi_taxonomy_id      686394 
_entity_src_nat.genus                      ? 
_entity_src_nat.species                    ? 
_entity_src_nat.strain                     ? 
_entity_src_nat.tissue                     ? 
_entity_src_nat.tissue_fraction            ? 
_entity_src_nat.pdbx_secretion             ? 
_entity_src_nat.pdbx_fragment              ? 
_entity_src_nat.pdbx_variant               ? 
_entity_src_nat.pdbx_cell_line             ? 
_entity_src_nat.pdbx_atcc                  ? 
_entity_src_nat.pdbx_cellular_location     ? 
_entity_src_nat.pdbx_organ                 ? 
_entity_src_nat.pdbx_organelle             ? 
_entity_src_nat.pdbx_cell                  ? 
_entity_src_nat.pdbx_plasmid_name          ? 
_entity_src_nat.pdbx_plasmid_details       'yellow sea in china' 
_entity_src_nat.details                    ? 
# 
loop_
_chem_comp.id 
_chem_comp.type 
_chem_comp.mon_nstd_flag 
_chem_comp.name 
_chem_comp.pdbx_synonyms 
_chem_comp.formula 
_chem_comp.formula_weight 
ALA 'L-peptide linking' y ALANINE         ? 'C3 H7 N O2'     89.093  
ARG 'L-peptide linking' y ARGININE        ? 'C6 H15 N4 O2 1' 175.209 
ASP 'L-peptide linking' y 'ASPARTIC ACID' ? 'C4 H7 N O4'     133.103 
CYS 'L-peptide linking' y CYSTEINE        ? 'C3 H7 N O2 S'   121.158 
GLN 'L-peptide linking' y GLUTAMINE       ? 'C5 H10 N2 O3'   146.144 
GLU 'L-peptide linking' y 'GLUTAMIC ACID' ? 'C5 H9 N O4'     147.129 
GLY 'peptide linking'   y GLYCINE         ? 'C2 H5 N O2'     75.067  
HOH non-polymer         . WATER           ? 'H2 O'           18.015  
ILE 'L-peptide linking' y ISOLEUCINE      ? 'C6 H13 N O2'    131.173 
LEU 'L-peptide linking' y LEUCINE         ? 'C6 H13 N O2'    131.173 
LYS 'L-peptide linking' y LYSINE          ? 'C6 H15 N2 O2 1' 147.195 
MET 'L-peptide linking' y METHIONINE      ? 'C5 H11 N O2 S'  149.211 
PHE 'L-peptide linking' y PHENYLALANINE   ? 'C9 H11 N O2'    165.189 
PRO 'L-peptide linking' y PROLINE         ? 'C5 H9 N O2'     115.130 
SER 'L-peptide linking' y SERINE          ? 'C3 H7 N O3'     105.093 
THR 'L-peptide linking' y THREONINE       ? 'C4 H9 N O3'     119.119 
TRP 'L-peptide linking' y TRYPTOPHAN      ? 'C11 H12 N2 O2'  204.225 
TYR 'L-peptide linking' y TYROSINE        ? 'C9 H11 N O3'    181.189 
VAL 'L-peptide linking' y VALINE          ? 'C5 H11 N O2'    117.146 
# 
loop_
_pdbx_poly_seq_scheme.asym_id 
_pdbx_poly_seq_scheme.entity_id 
_pdbx_poly_seq_scheme.seq_id 
_pdbx_poly_seq_scheme.mon_id 
_pdbx_poly_seq_scheme.ndb_seq_num 
_pdbx_poly_seq_scheme.pdb_seq_num 
_pdbx_poly_seq_scheme.auth_seq_num 
_pdbx_poly_seq_scheme.pdb_mon_id 
_pdbx_poly_seq_scheme.auth_mon_id 
_pdbx_poly_seq_scheme.pdb_strand_id 
_pdbx_poly_seq_scheme.pdb_ins_code 
_pdbx_poly_seq_scheme.hetero 
A 1 1  LEU 1  6  6  LEU LEU I . n 
A 1 2  SER 2  7  7  SER SER I . n 
A 1 3  PRO 3  8  8  PRO PRO I . n 
A 1 4  ALA 4  9  9  ALA ALA I . n 
A 1 5  GLN 5  10 10 GLN GLN I . n 
A 1 6  VAL 6  11 11 VAL VAL I . n 
A 1 7  ALA 7  12 12 ALA ALA I . n 
A 1 8  GLY 8  13 13 GLY GLY I . n 
A 1 9  SER 9  14 14 SER SER I . n 
A 1 10 TRP 10 15 15 TRP TRP I . n 
A 1 11 THR 11 16 16 THR THR I . n 
A 1 12 PHE 12 17 17 PHE PHE I . n 
A 1 13 TYR 13 18 18 TYR TYR I . n 
A 1 14 VAL 14 19 19 VAL VAL I . n 
A 1 15 GLN 15 20 20 GLN GLN I . n 
A 1 16 GLY 16 21 21 GLY GLY I . n 
A 1 17 ALA 17 22 22 ALA ALA I . n 
A 1 18 GLU 18 23 23 GLU GLU I . n 
A 1 19 GLN 19 24 24 GLN GLN I . n 
A 1 20 ASP 20 25 25 ASP ASP I . n 
A 1 21 ALA 21 26 26 ALA ALA I . n 
A 1 22 CYS 22 27 27 CYS CYS I . n 
A 1 23 THR 23 28 28 THR THR I . n 
A 1 24 VAL 24 29 29 VAL VAL I . n 
A 1 25 THR 25 30 30 THR THR I . n 
A 1 26 LEU 26 31 31 LEU LEU I . n 
A 1 27 LYS 27 32 32 LYS LYS I . n 
A 1 28 LYS 28 33 33 LYS LYS I . n 
A 1 29 ASP 29 34 34 ASP ASP I . n 
A 1 30 ARG 30 35 35 ARG ARG I . n 
A 1 31 THR 31 36 36 THR THR I . n 
A 1 32 PHE 32 37 37 PHE PHE I . n 
A 1 33 SER 33 38 38 SER SER I . n 
A 1 34 ALA 34 39 39 ALA ALA I . n 
A 1 35 GLN 35 40 40 GLN GLN I . n 
A 1 36 VAL 36 41 41 VAL VAL I . n 
A 1 37 SER 37 42 42 SER SER I . n 
A 1 38 CYS 38 43 43 CYS CYS I . n 
A 1 39 LEU 39 44 44 LEU LEU I . n 
A 1 40 GLN 40 45 45 GLN GLN I . n 
A 1 41 ALA 41 46 46 ALA ALA I . n 
A 1 42 TRP 42 47 47 TRP TRP I . n 
A 1 43 LEU 43 48 48 LEU LEU I . n 
A 1 44 GLY 44 49 49 GLY GLY I . n 
A 1 45 ARG 45 50 50 ARG ARG I . n 
A 1 46 THR 46 51 51 THR THR I . n 
A 1 47 PRO 47 52 52 PRO PRO I . n 
A 1 48 THR 48 53 53 THR THR I . n 
A 1 49 THR 49 54 54 THR THR I . n 
A 1 50 TRP 50 55 55 TRP TRP I . n 
A 1 51 SER 51 56 56 SER SER I . n 
A 1 52 PRO 52 57 57 PRO PRO I . n 
A 1 53 THR 53 58 58 THR THR I . n 
A 1 54 PRO 54 59 59 PRO PRO I . n 
A 1 55 ASP 55 60 60 ASP ASP I . n 
A 1 56 GLY 56 61 61 GLY GLY I . n 
A 1 57 LEU 57 62 62 LEU LEU I . n 
A 1 58 LEU 58 63 63 LEU LEU I . n 
A 1 59 LEU 59 64 64 LEU LEU I . n 
A 1 60 ILE 60 65 65 ILE ILE I . n 
A 1 61 GLY 61 66 66 GLY GLY I . n 
A 1 62 LYS 62 67 67 LYS LYS I . n 
A 1 63 ASP 63 68 68 ASP ASP I . n 
A 1 64 GLY 64 69 69 GLY GLY I . n 
A 1 65 SER 65 70 70 SER SER I . n 
A 1 66 GLN 66 71 71 GLN GLN I . n 
A 1 67 SER 67 72 72 SER SER I . n 
A 1 68 LEU 68 73 73 LEU LEU I . n 
A 1 69 PHE 69 74 74 PHE PHE I . n 
A 1 70 LEU 70 75 75 LEU LEU I . n 
A 1 71 GLU 71 76 76 GLU GLU I . n 
A 1 72 LEU 72 77 77 LEU LEU I . n 
A 1 73 ARG 73 78 78 ARG ARG I . n 
A 1 74 GLU 74 79 79 GLU GLU I . n 
A 1 75 ALA 75 80 80 ALA ALA I . n 
A 1 76 GLY 76 81 81 GLY GLY I . n 
A 1 77 ARG 77 82 82 ARG ARG I . n 
A 1 78 TYR 78 83 83 TYR TYR I . n 
A 1 79 GLU 79 84 84 GLU GLU I . n 
A 1 80 GLY 80 85 85 GLY GLY I . n 
A 1 81 SER 81 86 86 SER SER I . n 
A 1 82 VAL 82 87 87 VAL VAL I . n 
A 1 83 GLU 83 88 88 GLU GLU I . n 
A 1 84 GLY 84 89 89 GLY GLY I . n 
A 1 85 SER 85 90 90 SER SER I . n 
A 1 86 LYS 86 91 91 LYS LYS I . n 
A 1 87 THR 87 92 92 THR THR I . n 
A 1 88 LEU 88 93 93 LEU LEU I . n 
A 1 89 VAL 89 94 94 VAL VAL I . n 
A 1 90 MET 90 95 95 MET MET I . n 
A 1 91 GLN 91 96 96 GLN GLN I . n 
A 1 92 ARG 92 97 97 ARG ARG I . n 
A 1 93 ALA 93 98 98 ALA ALA I . n 
# 
loop_
_pdbx_nonpoly_scheme.asym_id 
_pdbx_nonpoly_scheme.entity_id 
_pdbx_nonpoly_scheme.mon_id 
_pdbx_nonpoly_scheme.ndb_seq_num 
_pdbx_nonpoly_scheme.pdb_seq_num 
_pdbx_nonpoly_scheme.auth_seq_num 
_pdbx_nonpoly_scheme.pdb_mon_id 
_pdbx_nonpoly_scheme.auth_mon_id 
_pdbx_nonpoly_scheme.pdb_strand_id 
_pdbx_nonpoly_scheme.pdb_ins_code 
B 2 HOH 1  101 4  HOH HOH I . 
B 2 HOH 2  102 10 HOH HOH I . 
B 2 HOH 3  103 1  HOH HOH I . 
B 2 HOH 4  104 11 HOH HOH I . 
B 2 HOH 5  105 2  HOH HOH I . 
B 2 HOH 6  106 8  HOH HOH I . 
B 2 HOH 7  107 6  HOH HOH I . 
B 2 HOH 8  108 7  HOH HOH I . 
B 2 HOH 9  109 13 HOH HOH I . 
B 2 HOH 10 110 9  HOH HOH I . 
B 2 HOH 11 111 3  HOH HOH I . 
B 2 HOH 12 112 12 HOH HOH I . 
B 2 HOH 13 113 5  HOH HOH I . 
# 
loop_
_software.citation_id 
_software.classification 
_software.compiler_name 
_software.compiler_version 
_software.contact_author 
_software.contact_author_email 
_software.date 
_software.description 
_software.dependencies 
_software.hardware 
_software.language 
_software.location 
_software.mods 
_software.name 
_software.os 
_software.os_version 
_software.type 
_software.version 
_software.pdbx_ordinal 
? 'data scaling'    ? ? ? ? ? ? ? ? ? ? ? SCALEPACK   ? ? ? .        1 
? refinement        ? ? ? ? ? ? ? ? ? ? ? REFMAC      ? ? ? 5.8.0238 2 
? 'data extraction' ? ? ? ? ? ? ? ? ? ? ? PDB_EXTRACT ? ? ? 3.24     3 
? 'data reduction'  ? ? ? ? ? ? ? ? ? ? ? HKL-2000    ? ? ? .        4 
? phasing           ? ? ? ? ? ? ? ? ? ? ? PHASER      ? ? ? .        5 
# 
_cell.angle_alpha                  90.000 
_cell.angle_alpha_esd              ? 
_cell.angle_beta                   90.000 
_cell.angle_beta_esd               ? 
_cell.angle_gamma                  90.000 
_cell.angle_gamma_esd              ? 
_cell.entry_id                     6IY4 
_cell.details                      ? 
_cell.formula_units_Z              ? 
_cell.length_a                     34.036 
_cell.length_a_esd                 ? 
_cell.length_b                     39.281 
_cell.length_b_esd                 ? 
_cell.length_c                     62.571 
_cell.length_c_esd                 ? 
_cell.volume                       ? 
_cell.volume_esd                   ? 
_cell.Z_PDB                        4 
_cell.reciprocal_angle_alpha       ? 
_cell.reciprocal_angle_beta        ? 
_cell.reciprocal_angle_gamma       ? 
_cell.reciprocal_angle_alpha_esd   ? 
_cell.reciprocal_angle_beta_esd    ? 
_cell.reciprocal_angle_gamma_esd   ? 
_cell.reciprocal_length_a          ? 
_cell.reciprocal_length_b          ? 
_cell.reciprocal_length_c          ? 
_cell.reciprocal_length_a_esd      ? 
_cell.reciprocal_length_b_esd      ? 
_cell.reciprocal_length_c_esd      ? 
_cell.pdbx_unique_axis             ? 
# 
_symmetry.entry_id                         6IY4 
_symmetry.cell_setting                     ? 
_symmetry.Int_Tables_number                19 
_symmetry.space_group_name_Hall            ? 
_symmetry.space_group_name_H-M             'P 21 21 21' 
_symmetry.pdbx_full_space_group_name_H-M   ? 
# 
_exptl.absorpt_coefficient_mu     ? 
_exptl.absorpt_correction_T_max   ? 
_exptl.absorpt_correction_T_min   ? 
_exptl.absorpt_correction_type    ? 
_exptl.absorpt_process_details    ? 
_exptl.entry_id                   6IY4 
_exptl.crystals_number            1 
_exptl.details                    ? 
_exptl.method                     'X-RAY DIFFRACTION' 
_exptl.method_details             ? 
# 
_exptl_crystal.colour                      ? 
_exptl_crystal.density_diffrn              ? 
_exptl_crystal.density_Matthews            2.07 
_exptl_crystal.density_method              ? 
_exptl_crystal.density_percent_sol         40.57 
_exptl_crystal.description                 ? 
_exptl_crystal.F_000                       ? 
_exptl_crystal.id                          1 
_exptl_crystal.preparation                 ? 
_exptl_crystal.size_max                    ? 
_exptl_crystal.size_mid                    ? 
_exptl_crystal.size_min                    ? 
_exptl_crystal.size_rad                    ? 
_exptl_crystal.colour_lustre               ? 
_exptl_crystal.colour_modifier             ? 
_exptl_crystal.colour_primary              ? 
_exptl_crystal.density_meas                ? 
_exptl_crystal.density_meas_esd            ? 
_exptl_crystal.density_meas_gt             ? 
_exptl_crystal.density_meas_lt             ? 
_exptl_crystal.density_meas_temp           ? 
_exptl_crystal.density_meas_temp_esd       ? 
_exptl_crystal.density_meas_temp_gt        ? 
_exptl_crystal.density_meas_temp_lt        ? 
_exptl_crystal.pdbx_crystal_image_url      ? 
_exptl_crystal.pdbx_crystal_image_format   ? 
_exptl_crystal.pdbx_mosaicity              ? 
_exptl_crystal.pdbx_mosaicity_esd          ? 
# 
_exptl_crystal_grow.apparatus       ? 
_exptl_crystal_grow.atmosphere      ? 
_exptl_crystal_grow.crystal_id      1 
_exptl_crystal_grow.details         ? 
_exptl_crystal_grow.method          EVAPORATION 
_exptl_crystal_grow.method_ref      ? 
_exptl_crystal_grow.pH              6.5 
_exptl_crystal_grow.pressure        ? 
_exptl_crystal_grow.pressure_esd    ? 
_exptl_crystal_grow.seeding         ? 
_exptl_crystal_grow.seeding_ref     ? 
_exptl_crystal_grow.temp            293 
_exptl_crystal_grow.temp_details    ? 
_exptl_crystal_grow.temp_esd        ? 
_exptl_crystal_grow.time            ? 
_exptl_crystal_grow.pdbx_details    '0.1M NaCl, 0.1M BIS-TRIS pH 6.5, 1.5M (NH4)2SO4' 
_exptl_crystal_grow.pdbx_pH_range   ? 
# 
_diffrn.ambient_environment              ? 
_diffrn.ambient_temp                     100 
_diffrn.ambient_temp_details             ? 
_diffrn.ambient_temp_esd                 ? 
_diffrn.crystal_id                       1 
_diffrn.crystal_support                  ? 
_diffrn.crystal_treatment                ? 
_diffrn.details                          ? 
_diffrn.id                               1 
_diffrn.ambient_pressure                 ? 
_diffrn.ambient_pressure_esd             ? 
_diffrn.ambient_pressure_gt              ? 
_diffrn.ambient_pressure_lt              ? 
_diffrn.ambient_temp_gt                  ? 
_diffrn.ambient_temp_lt                  ? 
_diffrn.pdbx_serial_crystal_experiment   N 
# 
_diffrn_detector.details                      ? 
_diffrn_detector.detector                     CCD 
_diffrn_detector.diffrn_id                    1 
_diffrn_detector.type                         'ADSC QUANTUM 315r' 
_diffrn_detector.area_resol_mean              ? 
_diffrn_detector.dtime                        ? 
_diffrn_detector.pdbx_frames_total            ? 
_diffrn_detector.pdbx_collection_time_total   ? 
_diffrn_detector.pdbx_collection_date         2017-06-15 
_diffrn_detector.pdbx_frequency               ? 
# 
_diffrn_radiation.collimation                      ? 
_diffrn_radiation.diffrn_id                        1 
_diffrn_radiation.filter_edge                      ? 
_diffrn_radiation.inhomogeneity                    ? 
_diffrn_radiation.monochromator                    ? 
_diffrn_radiation.polarisn_norm                    ? 
_diffrn_radiation.polarisn_ratio                   ? 
_diffrn_radiation.probe                            ? 
_diffrn_radiation.type                             ? 
_diffrn_radiation.xray_symbol                      ? 
_diffrn_radiation.wavelength_id                    1 
_diffrn_radiation.pdbx_monochromatic_or_laue_m_l   M 
_diffrn_radiation.pdbx_wavelength_list             ? 
_diffrn_radiation.pdbx_wavelength                  ? 
_diffrn_radiation.pdbx_diffrn_protocol             'SINGLE WAVELENGTH' 
_diffrn_radiation.pdbx_analyzer                    ? 
_diffrn_radiation.pdbx_scattering_type             x-ray 
# 
_diffrn_radiation_wavelength.id           1 
_diffrn_radiation_wavelength.wavelength   0.97915 
_diffrn_radiation_wavelength.wt           1.0 
# 
_diffrn_source.current                     ? 
_diffrn_source.details                     ? 
_diffrn_source.diffrn_id                   1 
_diffrn_source.power                       ? 
_diffrn_source.size                        ? 
_diffrn_source.source                      SYNCHROTRON 
_diffrn_source.target                      ? 
_diffrn_source.type                        'SSRF BEAMLINE BL17U' 
_diffrn_source.voltage                     ? 
_diffrn_source.take-off_angle              ? 
_diffrn_source.pdbx_wavelength_list        0.97915 
_diffrn_source.pdbx_wavelength             ? 
_diffrn_source.pdbx_synchrotron_beamline   BL17U 
_diffrn_source.pdbx_synchrotron_site       SSRF 
# 
_reflns.B_iso_Wilson_estimate            ? 
_reflns.entry_id                         6IY4 
_reflns.data_reduction_details           ? 
_reflns.data_reduction_method            ? 
_reflns.d_resolution_high                1.59 
_reflns.d_resolution_low                 50 
_reflns.details                          ? 
_reflns.limit_h_max                      ? 
_reflns.limit_h_min                      ? 
_reflns.limit_k_max                      ? 
_reflns.limit_k_min                      ? 
_reflns.limit_l_max                      ? 
_reflns.limit_l_min                      ? 
_reflns.number_all                       ? 
_reflns.number_obs                       11707 
_reflns.observed_criterion               ? 
_reflns.observed_criterion_F_max         ? 
_reflns.observed_criterion_F_min         ? 
_reflns.observed_criterion_I_max         ? 
_reflns.observed_criterion_I_min         ? 
_reflns.observed_criterion_sigma_F       ? 
_reflns.observed_criterion_sigma_I       ? 
_reflns.percent_possible_obs             99.7 
_reflns.R_free_details                   ? 
_reflns.Rmerge_F_all                     ? 
_reflns.Rmerge_F_obs                     ? 
_reflns.Friedel_coverage                 ? 
_reflns.number_gt                        ? 
_reflns.threshold_expression             ? 
_reflns.pdbx_redundancy                  5.4 
_reflns.pdbx_Rmerge_I_obs                0.213 
_reflns.pdbx_Rmerge_I_all                ? 
_reflns.pdbx_Rsym_value                  ? 
_reflns.pdbx_netI_over_av_sigmaI         ? 
_reflns.pdbx_netI_over_sigmaI            11.0 
_reflns.pdbx_res_netI_over_av_sigmaI_2   ? 
_reflns.pdbx_res_netI_over_sigmaI_2      ? 
_reflns.pdbx_chi_squared                 ? 
_reflns.pdbx_scaling_rejects             ? 
_reflns.pdbx_d_res_high_opt              ? 
_reflns.pdbx_d_res_low_opt               ? 
_reflns.pdbx_d_res_opt_method            ? 
_reflns.phase_calculation_details        ? 
_reflns.pdbx_Rrim_I_all                  ? 
_reflns.pdbx_Rpim_I_all                  0.088 
_reflns.pdbx_d_opt                       ? 
_reflns.pdbx_number_measured_all         ? 
_reflns.pdbx_diffrn_id                   1 
_reflns.pdbx_ordinal                     1 
_reflns.pdbx_CC_half                     0.991 
_reflns.pdbx_R_split                     ? 
# 
_reflns_shell.d_res_high                  1.59 
_reflns_shell.d_res_low                   1.64 
_reflns_shell.meanI_over_sigI_all         ? 
_reflns_shell.meanI_over_sigI_obs         ? 
_reflns_shell.number_measured_all         ? 
_reflns_shell.number_measured_obs         ? 
_reflns_shell.number_possible             ? 
_reflns_shell.number_unique_all           ? 
_reflns_shell.number_unique_obs           5628 
_reflns_shell.percent_possible_all        ? 
_reflns_shell.percent_possible_obs        ? 
_reflns_shell.Rmerge_F_all                ? 
_reflns_shell.Rmerge_F_obs                ? 
_reflns_shell.Rmerge_I_all                ? 
_reflns_shell.Rmerge_I_obs                0.654 
_reflns_shell.meanI_over_sigI_gt          ? 
_reflns_shell.meanI_over_uI_all           ? 
_reflns_shell.meanI_over_uI_gt            ? 
_reflns_shell.number_measured_gt          ? 
_reflns_shell.number_unique_gt            ? 
_reflns_shell.percent_possible_gt         ? 
_reflns_shell.Rmerge_F_gt                 ? 
_reflns_shell.Rmerge_I_gt                 ? 
_reflns_shell.pdbx_redundancy             ? 
_reflns_shell.pdbx_Rsym_value             ? 
_reflns_shell.pdbx_chi_squared            ? 
_reflns_shell.pdbx_netI_over_sigmaI_all   ? 
_reflns_shell.pdbx_netI_over_sigmaI_obs   ? 
_reflns_shell.pdbx_Rrim_I_all             ? 
_reflns_shell.pdbx_Rpim_I_all             0.277 
_reflns_shell.pdbx_rejects                ? 
_reflns_shell.pdbx_ordinal                1 
_reflns_shell.pdbx_diffrn_id              1 
_reflns_shell.pdbx_CC_half                0.869 
_reflns_shell.pdbx_R_split                ? 
# 
_refine.aniso_B[1][1]                            -0.1000 
_refine.aniso_B[1][2]                            -0.0000 
_refine.aniso_B[1][3]                            -0.0000 
_refine.aniso_B[2][2]                            -1.2200 
_refine.aniso_B[2][3]                            0.0000 
_refine.aniso_B[3][3]                            1.3200 
_refine.B_iso_max                                67.910 
_refine.B_iso_mean                               25.2740 
_refine.B_iso_min                                16.750 
_refine.correlation_coeff_Fo_to_Fc               0.9530 
_refine.correlation_coeff_Fo_to_Fc_free          0.9560 
_refine.details                                  
'HYDROGENS HAVE BEEN ADDED IN THE RIDING POSITIONS U VALUES      : REFINED INDIVIDUALLY' 
_refine.diff_density_max                         ? 
_refine.diff_density_max_esd                     ? 
_refine.diff_density_min                         ? 
_refine.diff_density_min_esd                     ? 
_refine.diff_density_rms                         ? 
_refine.diff_density_rms_esd                     ? 
_refine.entry_id                                 6IY4 
_refine.pdbx_refine_id                           'X-RAY DIFFRACTION' 
_refine.ls_abs_structure_details                 ? 
_refine.ls_abs_structure_Flack                   ? 
_refine.ls_abs_structure_Flack_esd               ? 
_refine.ls_abs_structure_Rogers                  ? 
_refine.ls_abs_structure_Rogers_esd              ? 
_refine.ls_d_res_high                            1.5900 
_refine.ls_d_res_low                             31.3100 
_refine.ls_extinction_coef                       ? 
_refine.ls_extinction_coef_esd                   ? 
_refine.ls_extinction_expression                 ? 
_refine.ls_extinction_method                     ? 
_refine.ls_goodness_of_fit_all                   ? 
_refine.ls_goodness_of_fit_all_esd               ? 
_refine.ls_goodness_of_fit_obs                   ? 
_refine.ls_goodness_of_fit_obs_esd               ? 
_refine.ls_hydrogen_treatment                    ? 
_refine.ls_matrix_type                           ? 
_refine.ls_number_constraints                    ? 
_refine.ls_number_parameters                     ? 
_refine.ls_number_reflns_all                     ? 
_refine.ls_number_reflns_obs                     11159 
_refine.ls_number_reflns_R_free                  569 
_refine.ls_number_reflns_R_work                  ? 
_refine.ls_number_restraints                     ? 
_refine.ls_percent_reflns_obs                    98.5500 
_refine.ls_percent_reflns_R_free                 4.9000 
_refine.ls_R_factor_all                          ? 
_refine.ls_R_factor_obs                          0.2102 
_refine.ls_R_factor_R_free                       0.2180 
_refine.ls_R_factor_R_free_error                 ? 
_refine.ls_R_factor_R_free_error_details         ? 
_refine.ls_R_factor_R_work                       0.2098 
_refine.ls_R_Fsqd_factor_obs                     ? 
_refine.ls_R_I_factor_obs                        ? 
_refine.ls_redundancy_reflns_all                 ? 
_refine.ls_redundancy_reflns_obs                 ? 
_refine.ls_restrained_S_all                      ? 
_refine.ls_restrained_S_obs                      ? 
_refine.ls_shift_over_esd_max                    ? 
_refine.ls_shift_over_esd_mean                   ? 
_refine.ls_structure_factor_coef                 ? 
_refine.ls_weighting_details                     ? 
_refine.ls_weighting_scheme                      ? 
_refine.ls_wR_factor_all                         ? 
_refine.ls_wR_factor_obs                         ? 
_refine.ls_wR_factor_R_free                      ? 
_refine.ls_wR_factor_R_work                      ? 
_refine.occupancy_max                            ? 
_refine.occupancy_min                            ? 
_refine.solvent_model_details                    ? 
_refine.solvent_model_param_bsol                 ? 
_refine.solvent_model_param_ksol                 ? 
_refine.ls_R_factor_gt                           ? 
_refine.ls_goodness_of_fit_gt                    ? 
_refine.ls_goodness_of_fit_ref                   ? 
_refine.ls_shift_over_su_max                     ? 
_refine.ls_shift_over_su_max_lt                  ? 
_refine.ls_shift_over_su_mean                    ? 
_refine.ls_shift_over_su_mean_lt                 ? 
_refine.pdbx_ls_sigma_I                          ? 
_refine.pdbx_ls_sigma_F                          0.000 
_refine.pdbx_ls_sigma_Fsqd                       ? 
_refine.pdbx_data_cutoff_high_absF               ? 
_refine.pdbx_data_cutoff_high_rms_absF           ? 
_refine.pdbx_data_cutoff_low_absF                ? 
_refine.pdbx_isotropic_thermal_model             ? 
_refine.pdbx_ls_cross_valid_method               THROUGHOUT 
_refine.pdbx_method_to_determine_struct          'MOLECULAR REPLACEMENT' 
_refine.pdbx_starting_model                      6IXX 
_refine.pdbx_stereochemistry_target_values       ? 
_refine.pdbx_R_Free_selection_details            RANDOM 
_refine.pdbx_stereochem_target_val_spec_case     ? 
_refine.pdbx_overall_ESU_R                       0.1000 
_refine.pdbx_overall_ESU_R_Free                  0.0900 
_refine.pdbx_solvent_vdw_probe_radii             1.2000 
_refine.pdbx_solvent_ion_probe_radii             0.8000 
_refine.pdbx_solvent_shrinkage_radii             0.8000 
_refine.pdbx_real_space_R                        ? 
_refine.pdbx_density_correlation                 ? 
_refine.pdbx_pd_number_of_powder_patterns        ? 
_refine.pdbx_pd_number_of_points                 ? 
_refine.pdbx_pd_meas_number_of_points            ? 
_refine.pdbx_pd_proc_ls_prof_R_factor            ? 
_refine.pdbx_pd_proc_ls_prof_wR_factor           ? 
_refine.pdbx_pd_Marquardt_correlation_coeff      ? 
_refine.pdbx_pd_Fsqrd_R_factor                   ? 
_refine.pdbx_pd_ls_matrix_band_width             ? 
_refine.pdbx_overall_phase_error                 ? 
_refine.pdbx_overall_SU_R_free_Cruickshank_DPI   ? 
_refine.pdbx_overall_SU_R_free_Blow_DPI          ? 
_refine.pdbx_overall_SU_R_Blow_DPI               ? 
_refine.pdbx_TLS_residual_ADP_flag               ? 
_refine.pdbx_diffrn_id                           1 
_refine.overall_SU_B                             1.7840 
_refine.overall_SU_ML                            0.0630 
_refine.overall_SU_R_Cruickshank_DPI             ? 
_refine.overall_SU_R_free                        ? 
_refine.overall_FOM_free_R_set                   ? 
_refine.overall_FOM_work_R_set                   ? 
_refine.pdbx_average_fsc_overall                 ? 
_refine.pdbx_average_fsc_work                    ? 
_refine.pdbx_average_fsc_free                    ? 
# 
_refine_hist.cycle_id                         final 
_refine_hist.pdbx_refine_id                   'X-RAY DIFFRACTION' 
_refine_hist.d_res_high                       1.5900 
_refine_hist.d_res_low                        31.3100 
_refine_hist.pdbx_number_atoms_ligand         0 
_refine_hist.number_atoms_solvent             13 
_refine_hist.number_atoms_total               722 
_refine_hist.pdbx_number_residues_total       93 
_refine_hist.pdbx_B_iso_mean_solvent          27.40 
_refine_hist.pdbx_number_atoms_protein        709 
_refine_hist.pdbx_number_atoms_nucleic_acid   0 
# 
loop_
_refine_ls_restr.pdbx_refine_id 
_refine_ls_restr.criterion 
_refine_ls_restr.dev_ideal 
_refine_ls_restr.dev_ideal_target 
_refine_ls_restr.number 
_refine_ls_restr.rejects 
_refine_ls_restr.type 
_refine_ls_restr.weight 
_refine_ls_restr.pdbx_restraint_function 
'X-RAY DIFFRACTION' ? 0.013  0.013  724  ? r_bond_refined_d       ? ? 
'X-RAY DIFFRACTION' ? 0.001  0.017  668  ? r_bond_other_d         ? ? 
'X-RAY DIFFRACTION' ? 1.739  1.645  983  ? r_angle_refined_deg    ? ? 
'X-RAY DIFFRACTION' ? 1.475  1.575  1550 ? r_angle_other_deg      ? ? 
'X-RAY DIFFRACTION' ? 6.778  5.000  92   ? r_dihedral_angle_1_deg ? ? 
'X-RAY DIFFRACTION' ? 33.164 21.765 34   ? r_dihedral_angle_2_deg ? ? 
'X-RAY DIFFRACTION' ? 14.413 15.000 120  ? r_dihedral_angle_3_deg ? ? 
'X-RAY DIFFRACTION' ? 11.809 15.000 5    ? r_dihedral_angle_4_deg ? ? 
'X-RAY DIFFRACTION' ? 0.071  0.200  94   ? r_chiral_restr         ? ? 
'X-RAY DIFFRACTION' ? 0.009  0.020  809  ? r_gen_planes_refined   ? ? 
'X-RAY DIFFRACTION' ? 0.001  0.020  154  ? r_gen_planes_other     ? ? 
# 
_refine_ls_shell.pdbx_refine_id                   'X-RAY DIFFRACTION' 
_refine_ls_shell.d_res_high                       1.5860 
_refine_ls_shell.d_res_low                        1.6270 
_refine_ls_shell.number_reflns_all                745 
_refine_ls_shell.number_reflns_obs                ? 
_refine_ls_shell.number_reflns_R_free             35 
_refine_ls_shell.number_reflns_R_work             710 
_refine_ls_shell.percent_reflns_obs               84.8500 
_refine_ls_shell.percent_reflns_R_free            ? 
_refine_ls_shell.R_factor_all                     ? 
_refine_ls_shell.R_factor_obs                     ? 
_refine_ls_shell.R_factor_R_free                  0.3110 
_refine_ls_shell.R_factor_R_free_error            0.0000 
_refine_ls_shell.R_factor_R_work                  0.2300 
_refine_ls_shell.redundancy_reflns_all            ? 
_refine_ls_shell.redundancy_reflns_obs            ? 
_refine_ls_shell.wR_factor_all                    ? 
_refine_ls_shell.wR_factor_obs                    ? 
_refine_ls_shell.wR_factor_R_free                 ? 
_refine_ls_shell.wR_factor_R_work                 ? 
_refine_ls_shell.pdbx_total_number_of_bins_used   20 
_refine_ls_shell.pdbx_phase_error                 ? 
_refine_ls_shell.pdbx_fsc_work                    ? 
_refine_ls_shell.pdbx_fsc_free                    ? 
# 
_struct.entry_id                     6IY4 
_struct.title                        'Crystal structure of a psychrophilic marine protease MP inhibitor' 
_struct.pdbx_model_details           ? 
_struct.pdbx_formula_weight          ? 
_struct.pdbx_formula_weight_method   ? 
_struct.pdbx_model_type_details      ? 
_struct.pdbx_CASP_flag               N 
# 
_struct_keywords.entry_id        6IY4 
_struct_keywords.text            'psychrophilic marine protease inhibitor, HYDROLASE INHIBITOR' 
_struct_keywords.pdbx_keywords   'HYDROLASE INHIBITOR' 
# 
loop_
_struct_asym.id 
_struct_asym.pdbx_blank_PDB_chainid_flag 
_struct_asym.pdbx_modified 
_struct_asym.entity_id 
_struct_asym.details 
A N N 1 ? 
B N N 2 ? 
# 
_struct_ref.id                         1 
_struct_ref.db_name                    UNP 
_struct_ref.db_code                    G3MEU6_9FLAO 
_struct_ref.pdbx_db_accession          G3MEU6 
_struct_ref.pdbx_db_isoform            ? 
_struct_ref.entity_id                  1 
_struct_ref.pdbx_seq_one_letter_code   
;LSPAQVAGSWTFYVQGAEQDACTVTSKKDRTFSAQVSCLQAWLGRTPTTWSPTPDGLLLIGKDGSQSLFLELREAGRYEG
SVEGSKTLVMQRA
;
_struct_ref.pdbx_align_begin           23 
# 
_struct_ref_seq.align_id                      1 
_struct_ref_seq.ref_id                        1 
_struct_ref_seq.pdbx_PDB_id_code              6IY4 
_struct_ref_seq.pdbx_strand_id                I 
_struct_ref_seq.seq_align_beg                 1 
_struct_ref_seq.pdbx_seq_align_beg_ins_code   ? 
_struct_ref_seq.seq_align_end                 93 
_struct_ref_seq.pdbx_seq_align_end_ins_code   ? 
_struct_ref_seq.pdbx_db_accession             G3MEU6 
_struct_ref_seq.db_align_beg                  23 
_struct_ref_seq.pdbx_db_align_beg_ins_code    ? 
_struct_ref_seq.db_align_end                  115 
_struct_ref_seq.pdbx_db_align_end_ins_code    ? 
_struct_ref_seq.pdbx_auth_seq_align_beg       6 
_struct_ref_seq.pdbx_auth_seq_align_end       98 
# 
_struct_ref_seq_dif.align_id                     1 
_struct_ref_seq_dif.pdbx_pdb_id_code             6IY4 
_struct_ref_seq_dif.mon_id                       LEU 
_struct_ref_seq_dif.pdbx_pdb_strand_id           I 
_struct_ref_seq_dif.seq_num                      26 
_struct_ref_seq_dif.pdbx_pdb_ins_code            ? 
_struct_ref_seq_dif.pdbx_seq_db_name             UNP 
_struct_ref_seq_dif.pdbx_seq_db_accession_code   G3MEU6 
_struct_ref_seq_dif.db_mon_id                    SER 
_struct_ref_seq_dif.pdbx_seq_db_seq_num          48 
_struct_ref_seq_dif.details                      'see sequence details' 
_struct_ref_seq_dif.pdbx_auth_seq_num            31 
_struct_ref_seq_dif.pdbx_ordinal                 1 
# 
_pdbx_struct_assembly.id                   1 
_pdbx_struct_assembly.details              author_defined_assembly 
_pdbx_struct_assembly.method_details       ? 
_pdbx_struct_assembly.oligomeric_details   monomeric 
_pdbx_struct_assembly.oligomeric_count     1 
# 
loop_
_pdbx_struct_assembly_prop.biol_id 
_pdbx_struct_assembly_prop.type 
_pdbx_struct_assembly_prop.value 
_pdbx_struct_assembly_prop.details 
1 'ABSA (A^2)' 0    ? 
1 MORE         0    ? 
1 'SSA (A^2)'  5110 ? 
# 
_pdbx_struct_assembly_gen.assembly_id       1 
_pdbx_struct_assembly_gen.oper_expression   1 
_pdbx_struct_assembly_gen.asym_id_list      A,B 
# 
_pdbx_struct_assembly_auth_evidence.id                     1 
_pdbx_struct_assembly_auth_evidence.assembly_id            1 
_pdbx_struct_assembly_auth_evidence.experimental_support   'gel filtration' 
_pdbx_struct_assembly_auth_evidence.details                ? 
# 
_pdbx_struct_oper_list.id                   1 
_pdbx_struct_oper_list.type                 'identity operation' 
_pdbx_struct_oper_list.name                 1_555 
_pdbx_struct_oper_list.symmetry_operation   x,y,z 
_pdbx_struct_oper_list.matrix[1][1]         1.0000000000 
_pdbx_struct_oper_list.matrix[1][2]         0.0000000000 
_pdbx_struct_oper_list.matrix[1][3]         0.0000000000 
_pdbx_struct_oper_list.vector[1]            0.0000000000 
_pdbx_struct_oper_list.matrix[2][1]         0.0000000000 
_pdbx_struct_oper_list.matrix[2][2]         1.0000000000 
_pdbx_struct_oper_list.matrix[2][3]         0.0000000000 
_pdbx_struct_oper_list.vector[2]            0.0000000000 
_pdbx_struct_oper_list.matrix[3][1]         0.0000000000 
_pdbx_struct_oper_list.matrix[3][2]         0.0000000000 
_pdbx_struct_oper_list.matrix[3][3]         1.0000000000 
_pdbx_struct_oper_list.vector[3]            0.0000000000 
# 
loop_
_struct_conf.conf_type_id 
_struct_conf.id 
_struct_conf.pdbx_PDB_helix_id 
_struct_conf.beg_label_comp_id 
_struct_conf.beg_label_asym_id 
_struct_conf.beg_label_seq_id 
_struct_conf.pdbx_beg_PDB_ins_code 
_struct_conf.end_label_comp_id 
_struct_conf.end_label_asym_id 
_struct_conf.end_label_seq_id 
_struct_conf.pdbx_end_PDB_ins_code 
_struct_conf.beg_auth_comp_id 
_struct_conf.beg_auth_asym_id 
_struct_conf.beg_auth_seq_id 
_struct_conf.end_auth_comp_id 
_struct_conf.end_auth_asym_id 
_struct_conf.end_auth_seq_id 
_struct_conf.pdbx_PDB_helix_class 
_struct_conf.details 
_struct_conf.pdbx_PDB_helix_length 
HELX_P HELX_P1 AA1 SER A 2  ? ALA A 7  ? SER I 7  ALA I 12 1 ? 6  
HELX_P HELX_P2 AA2 SER A 33 ? TRP A 42 ? SER I 38 TRP I 47 5 ? 10 
# 
_struct_conf_type.id          HELX_P 
_struct_conf_type.criteria    ? 
_struct_conf_type.reference   ? 
# 
_struct_conn.id                            disulf1 
_struct_conn.conn_type_id                  disulf 
_struct_conn.pdbx_leaving_atom_flag        ? 
_struct_conn.pdbx_PDB_id                   ? 
_struct_conn.ptnr1_label_asym_id           A 
_struct_conn.ptnr1_label_comp_id           CYS 
_struct_conn.ptnr1_label_seq_id            22 
_struct_conn.ptnr1_label_atom_id           SG 
_struct_conn.pdbx_ptnr1_label_alt_id       ? 
_struct_conn.pdbx_ptnr1_PDB_ins_code       ? 
_struct_conn.pdbx_ptnr1_standard_comp_id   ? 
_struct_conn.ptnr1_symmetry                1_555 
_struct_conn.ptnr2_label_asym_id           A 
_struct_conn.ptnr2_label_comp_id           CYS 
_struct_conn.ptnr2_label_seq_id            38 
_struct_conn.ptnr2_label_atom_id           SG 
_struct_conn.pdbx_ptnr2_label_alt_id       ? 
_struct_conn.pdbx_ptnr2_PDB_ins_code       ? 
_struct_conn.ptnr1_auth_asym_id            I 
_struct_conn.ptnr1_auth_comp_id            CYS 
_struct_conn.ptnr1_auth_seq_id             27 
_struct_conn.ptnr2_auth_asym_id            I 
_struct_conn.ptnr2_auth_comp_id            CYS 
_struct_conn.ptnr2_auth_seq_id             43 
_struct_conn.ptnr2_symmetry                1_555 
_struct_conn.pdbx_ptnr3_label_atom_id      ? 
_struct_conn.pdbx_ptnr3_label_seq_id       ? 
_struct_conn.pdbx_ptnr3_label_comp_id      ? 
_struct_conn.pdbx_ptnr3_label_asym_id      ? 
_struct_conn.pdbx_ptnr3_label_alt_id       ? 
_struct_conn.pdbx_ptnr3_PDB_ins_code       ? 
_struct_conn.details                       ? 
_struct_conn.pdbx_dist_value               2.063 
_struct_conn.pdbx_value_order              ? 
_struct_conn.pdbx_role                     ? 
# 
_struct_conn_type.id          disulf 
_struct_conn_type.criteria    ? 
_struct_conn_type.reference   ? 
# 
_pdbx_modification_feature.ordinal                            1 
_pdbx_modification_feature.label_comp_id                      CYS 
_pdbx_modification_feature.label_asym_id                      A 
_pdbx_modification_feature.label_seq_id                       22 
_pdbx_modification_feature.label_alt_id                       ? 
_pdbx_modification_feature.modified_residue_label_comp_id     CYS 
_pdbx_modification_feature.modified_residue_label_asym_id     A 
_pdbx_modification_feature.modified_residue_label_seq_id      38 
_pdbx_modification_feature.modified_residue_label_alt_id      ? 
_pdbx_modification_feature.auth_comp_id                       CYS 
_pdbx_modification_feature.auth_asym_id                       I 
_pdbx_modification_feature.auth_seq_id                        27 
_pdbx_modification_feature.PDB_ins_code                       ? 
_pdbx_modification_feature.symmetry                           1_555 
_pdbx_modification_feature.modified_residue_auth_comp_id      CYS 
_pdbx_modification_feature.modified_residue_auth_asym_id      I 
_pdbx_modification_feature.modified_residue_auth_seq_id       43 
_pdbx_modification_feature.modified_residue_PDB_ins_code      ? 
_pdbx_modification_feature.modified_residue_symmetry          1_555 
_pdbx_modification_feature.comp_id_linking_atom               SG 
_pdbx_modification_feature.modified_residue_id_linking_atom   SG 
_pdbx_modification_feature.modified_residue_id                . 
_pdbx_modification_feature.ref_pcm_id                         . 
_pdbx_modification_feature.ref_comp_id                        . 
_pdbx_modification_feature.type                               None 
_pdbx_modification_feature.category                           'Disulfide bridge' 
# 
_struct_sheet.id               AA1 
_struct_sheet.type             ? 
_struct_sheet.number_strands   7 
_struct_sheet.details          ? 
# 
loop_
_struct_sheet_order.sheet_id 
_struct_sheet_order.range_id_1 
_struct_sheet_order.range_id_2 
_struct_sheet_order.offset 
_struct_sheet_order.sense 
AA1 1 2 ? anti-parallel 
AA1 2 3 ? anti-parallel 
AA1 3 4 ? anti-parallel 
AA1 4 5 ? anti-parallel 
AA1 5 6 ? anti-parallel 
AA1 6 7 ? anti-parallel 
# 
loop_
_struct_sheet_range.sheet_id 
_struct_sheet_range.id 
_struct_sheet_range.beg_label_comp_id 
_struct_sheet_range.beg_label_asym_id 
_struct_sheet_range.beg_label_seq_id 
_struct_sheet_range.pdbx_beg_PDB_ins_code 
_struct_sheet_range.end_label_comp_id 
_struct_sheet_range.end_label_asym_id 
_struct_sheet_range.end_label_seq_id 
_struct_sheet_range.pdbx_end_PDB_ins_code 
_struct_sheet_range.beg_auth_comp_id 
_struct_sheet_range.beg_auth_asym_id 
_struct_sheet_range.beg_auth_seq_id 
_struct_sheet_range.end_auth_comp_id 
_struct_sheet_range.end_auth_asym_id 
_struct_sheet_range.end_auth_seq_id 
AA1 1 CYS A 22 ? LEU A 26 ? CYS I 27 LEU I 31 
AA1 2 GLY A 8  ? VAL A 14 ? GLY I 13 VAL I 19 
AA1 3 LYS A 86 ? ARG A 92 ? LYS I 91 ARG I 97 
AA1 4 ARG A 77 ? VAL A 82 ? ARG I 82 VAL I 87 
AA1 5 GLN A 66 ? GLU A 74 ? GLN I 71 GLU I 79 
AA1 6 GLY A 56 ? ILE A 60 ? GLY I 61 ILE I 65 
AA1 7 THR A 49 ? THR A 53 ? THR I 54 THR I 58 
# 
loop_
_pdbx_struct_sheet_hbond.sheet_id 
_pdbx_struct_sheet_hbond.range_id_1 
_pdbx_struct_sheet_hbond.range_id_2 
_pdbx_struct_sheet_hbond.range_1_label_atom_id 
_pdbx_struct_sheet_hbond.range_1_label_comp_id 
_pdbx_struct_sheet_hbond.range_1_label_asym_id 
_pdbx_struct_sheet_hbond.range_1_label_seq_id 
_pdbx_struct_sheet_hbond.range_1_PDB_ins_code 
_pdbx_struct_sheet_hbond.range_1_auth_atom_id 
_pdbx_struct_sheet_hbond.range_1_auth_comp_id 
_pdbx_struct_sheet_hbond.range_1_auth_asym_id 
_pdbx_struct_sheet_hbond.range_1_auth_seq_id 
_pdbx_struct_sheet_hbond.range_2_label_atom_id 
_pdbx_struct_sheet_hbond.range_2_label_comp_id 
_pdbx_struct_sheet_hbond.range_2_label_asym_id 
_pdbx_struct_sheet_hbond.range_2_label_seq_id 
_pdbx_struct_sheet_hbond.range_2_PDB_ins_code 
_pdbx_struct_sheet_hbond.range_2_auth_atom_id 
_pdbx_struct_sheet_hbond.range_2_auth_comp_id 
_pdbx_struct_sheet_hbond.range_2_auth_asym_id 
_pdbx_struct_sheet_hbond.range_2_auth_seq_id 
AA1 1 2 O CYS A 22 ? O CYS I 27 N PHE A 12 ? N PHE I 17 
AA1 2 3 N TYR A 13 ? N TYR I 18 O VAL A 89 ? O VAL I 94 
AA1 3 4 O LEU A 88 ? O LEU I 93 N GLY A 80 ? N GLY I 85 
AA1 4 5 O ARG A 77 ? O ARG I 82 N ARG A 73 ? N ARG I 78 
AA1 5 6 O LEU A 68 ? O LEU I 73 N LEU A 59 ? N LEU I 64 
AA1 6 7 O ILE A 60 ? O ILE I 65 N THR A 49 ? N THR I 54 
# 
_pdbx_entry_details.compound_details           ? 
_pdbx_entry_details.entry_id                   6IY4 
_pdbx_entry_details.nonpolymer_details         ? 
_pdbx_entry_details.sequence_details           
'Author states that the sequence G3MEU6 may have errors in sequencing, and this time the sequence is re-sequence verified to be Leu.' 
_pdbx_entry_details.source_details             ? 
_pdbx_entry_details.has_ligand_of_interest     ? 
_pdbx_entry_details.has_protein_modification   Y 
# 
_pdbx_validate_torsion.id              1 
_pdbx_validate_torsion.PDB_model_num   1 
_pdbx_validate_torsion.auth_comp_id    ASP 
_pdbx_validate_torsion.auth_asym_id    I 
_pdbx_validate_torsion.auth_seq_id     25 
_pdbx_validate_torsion.PDB_ins_code    ? 
_pdbx_validate_torsion.label_alt_id    ? 
_pdbx_validate_torsion.phi             -104.11 
_pdbx_validate_torsion.psi             75.08 
# 
loop_
_chem_comp_atom.comp_id 
_chem_comp_atom.atom_id 
_chem_comp_atom.type_symbol 
_chem_comp_atom.pdbx_aromatic_flag 
_chem_comp_atom.pdbx_stereo_config 
_chem_comp_atom.pdbx_ordinal 
ALA N    N N N 1   
ALA CA   C N S 2   
ALA C    C N N 3   
ALA O    O N N 4   
ALA CB   C N N 5   
ALA OXT  O N N 6   
ALA H    H N N 7   
ALA H2   H N N 8   
ALA HA   H N N 9   
ALA HB1  H N N 10  
ALA HB2  H N N 11  
ALA HB3  H N N 12  
ALA HXT  H N N 13  
ARG N    N N N 14  
ARG CA   C N S 15  
ARG C    C N N 16  
ARG O    O N N 17  
ARG CB   C N N 18  
ARG CG   C N N 19  
ARG CD   C N N 20  
ARG NE   N N N 21  
ARG CZ   C N N 22  
ARG NH1  N N N 23  
ARG NH2  N N N 24  
ARG OXT  O N N 25  
ARG H    H N N 26  
ARG H2   H N N 27  
ARG HA   H N N 28  
ARG HB2  H N N 29  
ARG HB3  H N N 30  
ARG HG2  H N N 31  
ARG HG3  H N N 32  
ARG HD2  H N N 33  
ARG HD3  H N N 34  
ARG HE   H N N 35  
ARG HH11 H N N 36  
ARG HH12 H N N 37  
ARG HH21 H N N 38  
ARG HH22 H N N 39  
ARG HXT  H N N 40  
ASP N    N N N 41  
ASP CA   C N S 42  
ASP C    C N N 43  
ASP O    O N N 44  
ASP CB   C N N 45  
ASP CG   C N N 46  
ASP OD1  O N N 47  
ASP OD2  O N N 48  
ASP OXT  O N N 49  
ASP H    H N N 50  
ASP H2   H N N 51  
ASP HA   H N N 52  
ASP HB2  H N N 53  
ASP HB3  H N N 54  
ASP HD2  H N N 55  
ASP HXT  H N N 56  
CYS N    N N N 57  
CYS CA   C N R 58  
CYS C    C N N 59  
CYS O    O N N 60  
CYS CB   C N N 61  
CYS SG   S N N 62  
CYS OXT  O N N 63  
CYS H    H N N 64  
CYS H2   H N N 65  
CYS HA   H N N 66  
CYS HB2  H N N 67  
CYS HB3  H N N 68  
CYS HG   H N N 69  
CYS HXT  H N N 70  
GLN N    N N N 71  
GLN CA   C N S 72  
GLN C    C N N 73  
GLN O    O N N 74  
GLN CB   C N N 75  
GLN CG   C N N 76  
GLN CD   C N N 77  
GLN OE1  O N N 78  
GLN NE2  N N N 79  
GLN OXT  O N N 80  
GLN H    H N N 81  
GLN H2   H N N 82  
GLN HA   H N N 83  
GLN HB2  H N N 84  
GLN HB3  H N N 85  
GLN HG2  H N N 86  
GLN HG3  H N N 87  
GLN HE21 H N N 88  
GLN HE22 H N N 89  
GLN HXT  H N N 90  
GLU N    N N N 91  
GLU CA   C N S 92  
GLU C    C N N 93  
GLU O    O N N 94  
GLU CB   C N N 95  
GLU CG   C N N 96  
GLU CD   C N N 97  
GLU OE1  O N N 98  
GLU OE2  O N N 99  
GLU OXT  O N N 100 
GLU H    H N N 101 
GLU H2   H N N 102 
GLU HA   H N N 103 
GLU HB2  H N N 104 
GLU HB3  H N N 105 
GLU HG2  H N N 106 
GLU HG3  H N N 107 
GLU HE2  H N N 108 
GLU HXT  H N N 109 
GLY N    N N N 110 
GLY CA   C N N 111 
GLY C    C N N 112 
GLY O    O N N 113 
GLY OXT  O N N 114 
GLY H    H N N 115 
GLY H2   H N N 116 
GLY HA2  H N N 117 
GLY HA3  H N N 118 
GLY HXT  H N N 119 
HOH O    O N N 120 
HOH H1   H N N 121 
HOH H2   H N N 122 
ILE N    N N N 123 
ILE CA   C N S 124 
ILE C    C N N 125 
ILE O    O N N 126 
ILE CB   C N S 127 
ILE CG1  C N N 128 
ILE CG2  C N N 129 
ILE CD1  C N N 130 
ILE OXT  O N N 131 
ILE H    H N N 132 
ILE H2   H N N 133 
ILE HA   H N N 134 
ILE HB   H N N 135 
ILE HG12 H N N 136 
ILE HG13 H N N 137 
ILE HG21 H N N 138 
ILE HG22 H N N 139 
ILE HG23 H N N 140 
ILE HD11 H N N 141 
ILE HD12 H N N 142 
ILE HD13 H N N 143 
ILE HXT  H N N 144 
LEU N    N N N 145 
LEU CA   C N S 146 
LEU C    C N N 147 
LEU O    O N N 148 
LEU CB   C N N 149 
LEU CG   C N N 150 
LEU CD1  C N N 151 
LEU CD2  C N N 152 
LEU OXT  O N N 153 
LEU H    H N N 154 
LEU H2   H N N 155 
LEU HA   H N N 156 
LEU HB2  H N N 157 
LEU HB3  H N N 158 
LEU HG   H N N 159 
LEU HD11 H N N 160 
LEU HD12 H N N 161 
LEU HD13 H N N 162 
LEU HD21 H N N 163 
LEU HD22 H N N 164 
LEU HD23 H N N 165 
LEU HXT  H N N 166 
LYS N    N N N 167 
LYS CA   C N S 168 
LYS C    C N N 169 
LYS O    O N N 170 
LYS CB   C N N 171 
LYS CG   C N N 172 
LYS CD   C N N 173 
LYS CE   C N N 174 
LYS NZ   N N N 175 
LYS OXT  O N N 176 
LYS H    H N N 177 
LYS H2   H N N 178 
LYS HA   H N N 179 
LYS HB2  H N N 180 
LYS HB3  H N N 181 
LYS HG2  H N N 182 
LYS HG3  H N N 183 
LYS HD2  H N N 184 
LYS HD3  H N N 185 
LYS HE2  H N N 186 
LYS HE3  H N N 187 
LYS HZ1  H N N 188 
LYS HZ2  H N N 189 
LYS HZ3  H N N 190 
LYS HXT  H N N 191 
MET N    N N N 192 
MET CA   C N S 193 
MET C    C N N 194 
MET O    O N N 195 
MET CB   C N N 196 
MET CG   C N N 197 
MET SD   S N N 198 
MET CE   C N N 199 
MET OXT  O N N 200 
MET H    H N N 201 
MET H2   H N N 202 
MET HA   H N N 203 
MET HB2  H N N 204 
MET HB3  H N N 205 
MET HG2  H N N 206 
MET HG3  H N N 207 
MET HE1  H N N 208 
MET HE2  H N N 209 
MET HE3  H N N 210 
MET HXT  H N N 211 
PHE N    N N N 212 
PHE CA   C N S 213 
PHE C    C N N 214 
PHE O    O N N 215 
PHE CB   C N N 216 
PHE CG   C Y N 217 
PHE CD1  C Y N 218 
PHE CD2  C Y N 219 
PHE CE1  C Y N 220 
PHE CE2  C Y N 221 
PHE CZ   C Y N 222 
PHE OXT  O N N 223 
PHE H    H N N 224 
PHE H2   H N N 225 
PHE HA   H N N 226 
PHE HB2  H N N 227 
PHE HB3  H N N 228 
PHE HD1  H N N 229 
PHE HD2  H N N 230 
PHE HE1  H N N 231 
PHE HE2  H N N 232 
PHE HZ   H N N 233 
PHE HXT  H N N 234 
PRO N    N N N 235 
PRO CA   C N S 236 
PRO C    C N N 237 
PRO O    O N N 238 
PRO CB   C N N 239 
PRO CG   C N N 240 
PRO CD   C N N 241 
PRO OXT  O N N 242 
PRO H    H N N 243 
PRO HA   H N N 244 
PRO HB2  H N N 245 
PRO HB3  H N N 246 
PRO HG2  H N N 247 
PRO HG3  H N N 248 
PRO HD2  H N N 249 
PRO HD3  H N N 250 
PRO HXT  H N N 251 
SER N    N N N 252 
SER CA   C N S 253 
SER C    C N N 254 
SER O    O N N 255 
SER CB   C N N 256 
SER OG   O N N 257 
SER OXT  O N N 258 
SER H    H N N 259 
SER H2   H N N 260 
SER HA   H N N 261 
SER HB2  H N N 262 
SER HB3  H N N 263 
SER HG   H N N 264 
SER HXT  H N N 265 
THR N    N N N 266 
THR CA   C N S 267 
THR C    C N N 268 
THR O    O N N 269 
THR CB   C N R 270 
THR OG1  O N N 271 
THR CG2  C N N 272 
THR OXT  O N N 273 
THR H    H N N 274 
THR H2   H N N 275 
THR HA   H N N 276 
THR HB   H N N 277 
THR HG1  H N N 278 
THR HG21 H N N 279 
THR HG22 H N N 280 
THR HG23 H N N 281 
THR HXT  H N N 282 
TRP N    N N N 283 
TRP CA   C N S 284 
TRP C    C N N 285 
TRP O    O N N 286 
TRP CB   C N N 287 
TRP CG   C Y N 288 
TRP CD1  C Y N 289 
TRP CD2  C Y N 290 
TRP NE1  N Y N 291 
TRP CE2  C Y N 292 
TRP CE3  C Y N 293 
TRP CZ2  C Y N 294 
TRP CZ3  C Y N 295 
TRP CH2  C Y N 296 
TRP OXT  O N N 297 
TRP H    H N N 298 
TRP H2   H N N 299 
TRP HA   H N N 300 
TRP HB2  H N N 301 
TRP HB3  H N N 302 
TRP HD1  H N N 303 
TRP HE1  H N N 304 
TRP HE3  H N N 305 
TRP HZ2  H N N 306 
TRP HZ3  H N N 307 
TRP HH2  H N N 308 
TRP HXT  H N N 309 
TYR N    N N N 310 
TYR CA   C N S 311 
TYR C    C N N 312 
TYR O    O N N 313 
TYR CB   C N N 314 
TYR CG   C Y N 315 
TYR CD1  C Y N 316 
TYR CD2  C Y N 317 
TYR CE1  C Y N 318 
TYR CE2  C Y N 319 
TYR CZ   C Y N 320 
TYR OH   O N N 321 
TYR OXT  O N N 322 
TYR H    H N N 323 
TYR H2   H N N 324 
TYR HA   H N N 325 
TYR HB2  H N N 326 
TYR HB3  H N N 327 
TYR HD1  H N N 328 
TYR HD2  H N N 329 
TYR HE1  H N N 330 
TYR HE2  H N N 331 
TYR HH   H N N 332 
TYR HXT  H N N 333 
VAL N    N N N 334 
VAL CA   C N S 335 
VAL C    C N N 336 
VAL O    O N N 337 
VAL CB   C N N 338 
VAL CG1  C N N 339 
VAL CG2  C N N 340 
VAL OXT  O N N 341 
VAL H    H N N 342 
VAL H2   H N N 343 
VAL HA   H N N 344 
VAL HB   H N N 345 
VAL HG11 H N N 346 
VAL HG12 H N N 347 
VAL HG13 H N N 348 
VAL HG21 H N N 349 
VAL HG22 H N N 350 
VAL HG23 H N N 351 
VAL HXT  H N N 352 
# 
loop_
_chem_comp_bond.comp_id 
_chem_comp_bond.atom_id_1 
_chem_comp_bond.atom_id_2 
_chem_comp_bond.value_order 
_chem_comp_bond.pdbx_aromatic_flag 
_chem_comp_bond.pdbx_stereo_config 
_chem_comp_bond.pdbx_ordinal 
ALA N   CA   sing N N 1   
ALA N   H    sing N N 2   
ALA N   H2   sing N N 3   
ALA CA  C    sing N N 4   
ALA CA  CB   sing N N 5   
ALA CA  HA   sing N N 6   
ALA C   O    doub N N 7   
ALA C   OXT  sing N N 8   
ALA CB  HB1  sing N N 9   
ALA CB  HB2  sing N N 10  
ALA CB  HB3  sing N N 11  
ALA OXT HXT  sing N N 12  
ARG N   CA   sing N N 13  
ARG N   H    sing N N 14  
ARG N   H2   sing N N 15  
ARG CA  C    sing N N 16  
ARG CA  CB   sing N N 17  
ARG CA  HA   sing N N 18  
ARG C   O    doub N N 19  
ARG C   OXT  sing N N 20  
ARG CB  CG   sing N N 21  
ARG CB  HB2  sing N N 22  
ARG CB  HB3  sing N N 23  
ARG CG  CD   sing N N 24  
ARG CG  HG2  sing N N 25  
ARG CG  HG3  sing N N 26  
ARG CD  NE   sing N N 27  
ARG CD  HD2  sing N N 28  
ARG CD  HD3  sing N N 29  
ARG NE  CZ   sing N N 30  
ARG NE  HE   sing N N 31  
ARG CZ  NH1  sing N N 32  
ARG CZ  NH2  doub N N 33  
ARG NH1 HH11 sing N N 34  
ARG NH1 HH12 sing N N 35  
ARG NH2 HH21 sing N N 36  
ARG NH2 HH22 sing N N 37  
ARG OXT HXT  sing N N 38  
ASP N   CA   sing N N 39  
ASP N   H    sing N N 40  
ASP N   H2   sing N N 41  
ASP CA  C    sing N N 42  
ASP CA  CB   sing N N 43  
ASP CA  HA   sing N N 44  
ASP C   O    doub N N 45  
ASP C   OXT  sing N N 46  
ASP CB  CG   sing N N 47  
ASP CB  HB2  sing N N 48  
ASP CB  HB3  sing N N 49  
ASP CG  OD1  doub N N 50  
ASP CG  OD2  sing N N 51  
ASP OD2 HD2  sing N N 52  
ASP OXT HXT  sing N N 53  
CYS N   CA   sing N N 54  
CYS N   H    sing N N 55  
CYS N   H2   sing N N 56  
CYS CA  C    sing N N 57  
CYS CA  CB   sing N N 58  
CYS CA  HA   sing N N 59  
CYS C   O    doub N N 60  
CYS C   OXT  sing N N 61  
CYS CB  SG   sing N N 62  
CYS CB  HB2  sing N N 63  
CYS CB  HB3  sing N N 64  
CYS SG  HG   sing N N 65  
CYS OXT HXT  sing N N 66  
GLN N   CA   sing N N 67  
GLN N   H    sing N N 68  
GLN N   H2   sing N N 69  
GLN CA  C    sing N N 70  
GLN CA  CB   sing N N 71  
GLN CA  HA   sing N N 72  
GLN C   O    doub N N 73  
GLN C   OXT  sing N N 74  
GLN CB  CG   sing N N 75  
GLN CB  HB2  sing N N 76  
GLN CB  HB3  sing N N 77  
GLN CG  CD   sing N N 78  
GLN CG  HG2  sing N N 79  
GLN CG  HG3  sing N N 80  
GLN CD  OE1  doub N N 81  
GLN CD  NE2  sing N N 82  
GLN NE2 HE21 sing N N 83  
GLN NE2 HE22 sing N N 84  
GLN OXT HXT  sing N N 85  
GLU N   CA   sing N N 86  
GLU N   H    sing N N 87  
GLU N   H2   sing N N 88  
GLU CA  C    sing N N 89  
GLU CA  CB   sing N N 90  
GLU CA  HA   sing N N 91  
GLU C   O    doub N N 92  
GLU C   OXT  sing N N 93  
GLU CB  CG   sing N N 94  
GLU CB  HB2  sing N N 95  
GLU CB  HB3  sing N N 96  
GLU CG  CD   sing N N 97  
GLU CG  HG2  sing N N 98  
GLU CG  HG3  sing N N 99  
GLU CD  OE1  doub N N 100 
GLU CD  OE2  sing N N 101 
GLU OE2 HE2  sing N N 102 
GLU OXT HXT  sing N N 103 
GLY N   CA   sing N N 104 
GLY N   H    sing N N 105 
GLY N   H2   sing N N 106 
GLY CA  C    sing N N 107 
GLY CA  HA2  sing N N 108 
GLY CA  HA3  sing N N 109 
GLY C   O    doub N N 110 
GLY C   OXT  sing N N 111 
GLY OXT HXT  sing N N 112 
HOH O   H1   sing N N 113 
HOH O   H2   sing N N 114 
ILE N   CA   sing N N 115 
ILE N   H    sing N N 116 
ILE N   H2   sing N N 117 
ILE CA  C    sing N N 118 
ILE CA  CB   sing N N 119 
ILE CA  HA   sing N N 120 
ILE C   O    doub N N 121 
ILE C   OXT  sing N N 122 
ILE CB  CG1  sing N N 123 
ILE CB  CG2  sing N N 124 
ILE CB  HB   sing N N 125 
ILE CG1 CD1  sing N N 126 
ILE CG1 HG12 sing N N 127 
ILE CG1 HG13 sing N N 128 
ILE CG2 HG21 sing N N 129 
ILE CG2 HG22 sing N N 130 
ILE CG2 HG23 sing N N 131 
ILE CD1 HD11 sing N N 132 
ILE CD1 HD12 sing N N 133 
ILE CD1 HD13 sing N N 134 
ILE OXT HXT  sing N N 135 
LEU N   CA   sing N N 136 
LEU N   H    sing N N 137 
LEU N   H2   sing N N 138 
LEU CA  C    sing N N 139 
LEU CA  CB   sing N N 140 
LEU CA  HA   sing N N 141 
LEU C   O    doub N N 142 
LEU C   OXT  sing N N 143 
LEU CB  CG   sing N N 144 
LEU CB  HB2  sing N N 145 
LEU CB  HB3  sing N N 146 
LEU CG  CD1  sing N N 147 
LEU CG  CD2  sing N N 148 
LEU CG  HG   sing N N 149 
LEU CD1 HD11 sing N N 150 
LEU CD1 HD12 sing N N 151 
LEU CD1 HD13 sing N N 152 
LEU CD2 HD21 sing N N 153 
LEU CD2 HD22 sing N N 154 
LEU CD2 HD23 sing N N 155 
LEU OXT HXT  sing N N 156 
LYS N   CA   sing N N 157 
LYS N   H    sing N N 158 
LYS N   H2   sing N N 159 
LYS CA  C    sing N N 160 
LYS CA  CB   sing N N 161 
LYS CA  HA   sing N N 162 
LYS C   O    doub N N 163 
LYS C   OXT  sing N N 164 
LYS CB  CG   sing N N 165 
LYS CB  HB2  sing N N 166 
LYS CB  HB3  sing N N 167 
LYS CG  CD   sing N N 168 
LYS CG  HG2  sing N N 169 
LYS CG  HG3  sing N N 170 
LYS CD  CE   sing N N 171 
LYS CD  HD2  sing N N 172 
LYS CD  HD3  sing N N 173 
LYS CE  NZ   sing N N 174 
LYS CE  HE2  sing N N 175 
LYS CE  HE3  sing N N 176 
LYS NZ  HZ1  sing N N 177 
LYS NZ  HZ2  sing N N 178 
LYS NZ  HZ3  sing N N 179 
LYS OXT HXT  sing N N 180 
MET N   CA   sing N N 181 
MET N   H    sing N N 182 
MET N   H2   sing N N 183 
MET CA  C    sing N N 184 
MET CA  CB   sing N N 185 
MET CA  HA   sing N N 186 
MET C   O    doub N N 187 
MET C   OXT  sing N N 188 
MET CB  CG   sing N N 189 
MET CB  HB2  sing N N 190 
MET CB  HB3  sing N N 191 
MET CG  SD   sing N N 192 
MET CG  HG2  sing N N 193 
MET CG  HG3  sing N N 194 
MET SD  CE   sing N N 195 
MET CE  HE1  sing N N 196 
MET CE  HE2  sing N N 197 
MET CE  HE3  sing N N 198 
MET OXT HXT  sing N N 199 
PHE N   CA   sing N N 200 
PHE N   H    sing N N 201 
PHE N   H2   sing N N 202 
PHE CA  C    sing N N 203 
PHE CA  CB   sing N N 204 
PHE CA  HA   sing N N 205 
PHE C   O    doub N N 206 
PHE C   OXT  sing N N 207 
PHE CB  CG   sing N N 208 
PHE CB  HB2  sing N N 209 
PHE CB  HB3  sing N N 210 
PHE CG  CD1  doub Y N 211 
PHE CG  CD2  sing Y N 212 
PHE CD1 CE1  sing Y N 213 
PHE CD1 HD1  sing N N 214 
PHE CD2 CE2  doub Y N 215 
PHE CD2 HD2  sing N N 216 
PHE CE1 CZ   doub Y N 217 
PHE CE1 HE1  sing N N 218 
PHE CE2 CZ   sing Y N 219 
PHE CE2 HE2  sing N N 220 
PHE CZ  HZ   sing N N 221 
PHE OXT HXT  sing N N 222 
PRO N   CA   sing N N 223 
PRO N   CD   sing N N 224 
PRO N   H    sing N N 225 
PRO CA  C    sing N N 226 
PRO CA  CB   sing N N 227 
PRO CA  HA   sing N N 228 
PRO C   O    doub N N 229 
PRO C   OXT  sing N N 230 
PRO CB  CG   sing N N 231 
PRO CB  HB2  sing N N 232 
PRO CB  HB3  sing N N 233 
PRO CG  CD   sing N N 234 
PRO CG  HG2  sing N N 235 
PRO CG  HG3  sing N N 236 
PRO CD  HD2  sing N N 237 
PRO CD  HD3  sing N N 238 
PRO OXT HXT  sing N N 239 
SER N   CA   sing N N 240 
SER N   H    sing N N 241 
SER N   H2   sing N N 242 
SER CA  C    sing N N 243 
SER CA  CB   sing N N 244 
SER CA  HA   sing N N 245 
SER C   O    doub N N 246 
SER C   OXT  sing N N 247 
SER CB  OG   sing N N 248 
SER CB  HB2  sing N N 249 
SER CB  HB3  sing N N 250 
SER OG  HG   sing N N 251 
SER OXT HXT  sing N N 252 
THR N   CA   sing N N 253 
THR N   H    sing N N 254 
THR N   H2   sing N N 255 
THR CA  C    sing N N 256 
THR CA  CB   sing N N 257 
THR CA  HA   sing N N 258 
THR C   O    doub N N 259 
THR C   OXT  sing N N 260 
THR CB  OG1  sing N N 261 
THR CB  CG2  sing N N 262 
THR CB  HB   sing N N 263 
THR OG1 HG1  sing N N 264 
THR CG2 HG21 sing N N 265 
THR CG2 HG22 sing N N 266 
THR CG2 HG23 sing N N 267 
THR OXT HXT  sing N N 268 
TRP N   CA   sing N N 269 
TRP N   H    sing N N 270 
TRP N   H2   sing N N 271 
TRP CA  C    sing N N 272 
TRP CA  CB   sing N N 273 
TRP CA  HA   sing N N 274 
TRP C   O    doub N N 275 
TRP C   OXT  sing N N 276 
TRP CB  CG   sing N N 277 
TRP CB  HB2  sing N N 278 
TRP CB  HB3  sing N N 279 
TRP CG  CD1  doub Y N 280 
TRP CG  CD2  sing Y N 281 
TRP CD1 NE1  sing Y N 282 
TRP CD1 HD1  sing N N 283 
TRP CD2 CE2  doub Y N 284 
TRP CD2 CE3  sing Y N 285 
TRP NE1 CE2  sing Y N 286 
TRP NE1 HE1  sing N N 287 
TRP CE2 CZ2  sing Y N 288 
TRP CE3 CZ3  doub Y N 289 
TRP CE3 HE3  sing N N 290 
TRP CZ2 CH2  doub Y N 291 
TRP CZ2 HZ2  sing N N 292 
TRP CZ3 CH2  sing Y N 293 
TRP CZ3 HZ3  sing N N 294 
TRP CH2 HH2  sing N N 295 
TRP OXT HXT  sing N N 296 
TYR N   CA   sing N N 297 
TYR N   H    sing N N 298 
TYR N   H2   sing N N 299 
TYR CA  C    sing N N 300 
TYR CA  CB   sing N N 301 
TYR CA  HA   sing N N 302 
TYR C   O    doub N N 303 
TYR C   OXT  sing N N 304 
TYR CB  CG   sing N N 305 
TYR CB  HB2  sing N N 306 
TYR CB  HB3  sing N N 307 
TYR CG  CD1  doub Y N 308 
TYR CG  CD2  sing Y N 309 
TYR CD1 CE1  sing Y N 310 
TYR CD1 HD1  sing N N 311 
TYR CD2 CE2  doub Y N 312 
TYR CD2 HD2  sing N N 313 
TYR CE1 CZ   doub Y N 314 
TYR CE1 HE1  sing N N 315 
TYR CE2 CZ   sing Y N 316 
TYR CE2 HE2  sing N N 317 
TYR CZ  OH   sing N N 318 
TYR OH  HH   sing N N 319 
TYR OXT HXT  sing N N 320 
VAL N   CA   sing N N 321 
VAL N   H    sing N N 322 
VAL N   H2   sing N N 323 
VAL CA  C    sing N N 324 
VAL CA  CB   sing N N 325 
VAL CA  HA   sing N N 326 
VAL C   O    doub N N 327 
VAL C   OXT  sing N N 328 
VAL CB  CG1  sing N N 329 
VAL CB  CG2  sing N N 330 
VAL CB  HB   sing N N 331 
VAL CG1 HG11 sing N N 332 
VAL CG1 HG12 sing N N 333 
VAL CG1 HG13 sing N N 334 
VAL CG2 HG21 sing N N 335 
VAL CG2 HG22 sing N N 336 
VAL CG2 HG23 sing N N 337 
VAL OXT HXT  sing N N 338 
# 
_pdbx_audit_support.funding_organization   'National Natural Science Foundation of China' 
_pdbx_audit_support.country                China 
_pdbx_audit_support.grant_number           41376175 
_pdbx_audit_support.ordinal                1 
# 
_pdbx_initial_refinement_model.id               1 
_pdbx_initial_refinement_model.entity_id_list   ? 
_pdbx_initial_refinement_model.type             'experimental model' 
_pdbx_initial_refinement_model.source_name      PDB 
_pdbx_initial_refinement_model.accession_code   6IXX 
_pdbx_initial_refinement_model.details          ? 
# 
_atom_sites.entry_id                    6IY4 
_atom_sites.fract_transf_matrix[1][1]   -0.01971134 
_atom_sites.fract_transf_matrix[1][2]   -0.02170918 
_atom_sites.fract_transf_matrix[1][3]   0.00184872 
_atom_sites.fract_transf_matrix[2][1]   0.01059851 
_atom_sites.fract_transf_matrix[2][2]   -0.01134149 
_atom_sites.fract_transf_matrix[2][3]   -0.02017801 
_atom_sites.fract_transf_matrix[3][1]   0.00980770 
_atom_sites.fract_transf_matrix[3][2]   -0.00807970 
_atom_sites.fract_transf_matrix[3][3]   0.00969287 
_atom_sites.fract_transf_vector[1]      0.229118 
_atom_sites.fract_transf_vector[2]      -0.009602 
_atom_sites.fract_transf_vector[3]      -0.242848 
# 
loop_
_atom_type.symbol 
C 
N 
O 
S 
# 
loop_
_atom_site.group_PDB 
_atom_site.id 
_atom_site.type_symbol 
_atom_site.label_atom_id 
_atom_site.label_alt_id 
_atom_site.label_comp_id 
_atom_site.label_asym_id 
_atom_site.label_entity_id 
_atom_site.label_seq_id 
_atom_site.pdbx_PDB_ins_code 
_atom_site.Cartn_x 
_atom_site.Cartn_y 
_atom_site.Cartn_z 
_atom_site.occupancy 
_atom_site.B_iso_or_equiv 
_atom_site.pdbx_formal_charge 
_atom_site.auth_seq_id 
_atom_site.auth_comp_id 
_atom_site.auth_asym_id 
_atom_site.auth_atom_id 
_atom_site.pdbx_PDB_model_num 
ATOM   1   N N   . LEU A 1 1  ? 8.912   11.703  -4.469  1.00 32.98 ? 6   LEU I N   1 
ATOM   2   C CA  . LEU A 1 1  ? 8.584   10.909  -5.702  1.00 33.59 ? 6   LEU I CA  1 
ATOM   3   C C   . LEU A 1 1  ? 7.202   11.341  -6.203  1.00 30.26 ? 6   LEU I C   1 
ATOM   4   O O   . LEU A 1 1  ? 6.309   11.456  -5.356  1.00 29.83 ? 6   LEU I O   1 
ATOM   5   C CB  . LEU A 1 1  ? 8.599   9.414   -5.347  1.00 30.13 ? 6   LEU I CB  1 
ATOM   6   C CG  . LEU A 1 1  ? 9.936   8.790   -4.916  1.00 32.10 ? 6   LEU I CG  1 
ATOM   7   C CD1 . LEU A 1 1  ? 9.748   7.333   -4.524  1.00 32.88 ? 6   LEU I CD1 1 
ATOM   8   C CD2 . LEU A 1 1  ? 11.009  8.879   -5.999  1.00 32.45 ? 6   LEU I CD2 1 
ATOM   9   N N   . SER A 1 2  ? 7.053   11.650  -7.491  1.00 27.36 ? 7   SER I N   1 
ATOM   10  C CA  . SER A 1 2  ? 5.765   11.940  -8.159  1.00 24.95 ? 7   SER I CA  1 
ATOM   11  C C   . SER A 1 2  ? 4.924   10.667  -8.180  1.00 26.60 ? 7   SER I C   1 
ATOM   12  O O   . SER A 1 2  ? 5.432   9.530   -8.115  1.00 27.58 ? 7   SER I O   1 
ATOM   13  C CB  . SER A 1 2  ? 5.961   12.436  -9.557  1.00 27.00 ? 7   SER I CB  1 
ATOM   14  O OG  . SER A 1 2  ? 6.517   11.376  -10.352 1.00 30.55 ? 7   SER I OG  1 
ATOM   15  N N   . PRO A 1 3  ? 3.603   10.761  -8.370  1.00 25.91 ? 8   PRO I N   1 
ATOM   16  C CA  . PRO A 1 3  ? 2.834   9.549   -8.638  1.00 25.59 ? 8   PRO I CA  1 
ATOM   17  C C   . PRO A 1 3  ? 3.426   8.671   -9.746  1.00 24.07 ? 8   PRO I C   1 
ATOM   18  O O   . PRO A 1 3  ? 3.415   7.442   -9.630  1.00 23.50 ? 8   PRO I O   1 
ATOM   19  C CB  . PRO A 1 3  ? 1.462   10.101  -9.028  1.00 26.18 ? 8   PRO I CB  1 
ATOM   20  C CG  . PRO A 1 3  ? 1.360   11.374  -8.200  1.00 28.14 ? 8   PRO I CG  1 
ATOM   21  C CD  . PRO A 1 3  ? 2.761   11.961  -8.197  1.00 28.15 ? 8   PRO I CD  1 
ATOM   22  N N   . ALA A 1 4  ? 3.914   9.263   -10.838 1.00 25.55 ? 9   ALA I N   1 
ATOM   23  C CA  . ALA A 1 4  ? 4.428   8.441   -11.958 1.00 26.98 ? 9   ALA I CA  1 
ATOM   24  C C   . ALA A 1 4  ? 5.607   7.582   -11.473 1.00 26.10 ? 9   ALA I C   1 
ATOM   25  O O   . ALA A 1 4  ? 5.836   6.479   -12.027 1.00 25.97 ? 9   ALA I O   1 
ATOM   26  C CB  . ALA A 1 4  ? 4.822   9.339   -13.110 1.00 26.98 ? 9   ALA I CB  1 
ATOM   27  N N   . GLN A 1 5  ? 6.356   8.045   -10.472 1.00 22.23 ? 10  GLN I N   1 
ATOM   28  C CA  . GLN A 1 5  ? 7.547   7.324   -9.967  1.00 24.31 ? 10  GLN I CA  1 
ATOM   29  C C   . GLN A 1 5  ? 7.175   6.238   -8.949  1.00 23.09 ? 10  GLN I C   1 
ATOM   30  O O   . GLN A 1 5  ? 8.079   5.404   -8.557  1.00 23.44 ? 10  GLN I O   1 
ATOM   31  C CB  . GLN A 1 5  ? 8.555   8.352   -9.449  1.00 24.08 ? 10  GLN I CB  1 
ATOM   32  C CG  . GLN A 1 5  ? 9.254   9.060   -10.594 1.00 26.23 ? 10  GLN I CG  1 
ATOM   33  C CD  . GLN A 1 5  ? 10.109  8.069   -11.350 1.00 24.27 ? 10  GLN I CD  1 
ATOM   34  O OE1 . GLN A 1 5  ? 10.962  7.409   -10.767 1.00 22.99 ? 10  GLN I OE1 1 
ATOM   35  N NE2 . GLN A 1 5  ? 9.755   7.821   -12.597 1.00 26.66 ? 10  GLN I NE2 1 
ATOM   36  N N   . VAL A 1 6  ? 5.914   6.226   -8.496  1.00 21.20 ? 11  VAL I N   1 
ATOM   37  C CA  . VAL A 1 6  ? 5.440   5.235   -7.489  1.00 20.97 ? 11  VAL I CA  1 
ATOM   38  C C   . VAL A 1 6  ? 4.463   4.282   -8.167  1.00 19.90 ? 11  VAL I C   1 
ATOM   39  O O   . VAL A 1 6  ? 4.303   3.184   -7.664  1.00 21.43 ? 11  VAL I O   1 
ATOM   40  C CB  . VAL A 1 6  ? 4.773   5.980   -6.311  1.00 21.90 ? 11  VAL I CB  1 
ATOM   41  C CG1 . VAL A 1 6  ? 4.170   5.051   -5.265  1.00 25.41 ? 11  VAL I CG1 1 
ATOM   42  C CG2 . VAL A 1 6  ? 5.714   6.960   -5.658  1.00 24.00 ? 11  VAL I CG2 1 
ATOM   43  N N   . ALA A 1 7  ? 3.913   4.616   -9.321  1.00 20.04 ? 12  ALA I N   1 
ATOM   44  C CA  . ALA A 1 7  ? 2.859   3.789   -9.952  1.00 20.68 ? 12  ALA I CA  1 
ATOM   45  C C   . ALA A 1 7  ? 3.471   2.518   -10.520 1.00 19.95 ? 12  ALA I C   1 
ATOM   46  O O   . ALA A 1 7  ? 4.646   2.478   -10.896 1.00 21.82 ? 12  ALA I O   1 
ATOM   47  C CB  . ALA A 1 7  ? 2.136   4.538   -11.033 1.00 22.63 ? 12  ALA I CB  1 
ATOM   48  N N   . GLY A 1 8  ? 2.672   1.486   -10.574 1.00 20.26 ? 13  GLY I N   1 
ATOM   49  C CA  . GLY A 1 8  ? 3.034   0.221   -11.192 1.00 18.40 ? 13  GLY I CA  1 
ATOM   50  C C   . GLY A 1 8  ? 2.685   -0.945  -10.318 1.00 19.10 ? 13  GLY I C   1 
ATOM   51  O O   . GLY A 1 8  ? 1.802   -0.825  -9.437  1.00 18.99 ? 13  GLY I O   1 
ATOM   52  N N   . SER A 1 9  ? 3.308   -2.070  -10.616 1.00 19.89 ? 14  SER I N   1 
ATOM   53  C CA  . SER A 1 9  ? 3.034   -3.358  -9.940  1.00 18.73 ? 14  SER I CA  1 
ATOM   54  C C   . SER A 1 9  ? 3.676   -3.412  -8.542  1.00 20.01 ? 14  SER I C   1 
ATOM   55  O O   . SER A 1 9  ? 4.906   -3.210  -8.406  1.00 23.66 ? 14  SER I O   1 
ATOM   56  C CB  . SER A 1 9  ? 3.526   -4.496  -10.767 1.00 21.72 ? 14  SER I CB  1 
ATOM   57  O OG  . SER A 1 9  ? 3.130   -5.706  -10.167 1.00 23.72 ? 14  SER I OG  1 
ATOM   58  N N   . TRP A 1 10 ? 2.889   -3.693  -7.522  1.00 19.40 ? 15  TRP I N   1 
ATOM   59  C CA  . TRP A 1 10 ? 3.373   -3.807  -6.136  1.00 18.50 ? 15  TRP I CA  1 
ATOM   60  C C   . TRP A 1 10 ? 2.840   -5.086  -5.526  1.00 19.60 ? 15  TRP I C   1 
ATOM   61  O O   . TRP A 1 10 ? 1.661   -5.412  -5.719  1.00 20.75 ? 15  TRP I O   1 
ATOM   62  C CB  . TRP A 1 10 ? 2.949   -2.607  -5.304  1.00 17.41 ? 15  TRP I CB  1 
ATOM   63  C CG  . TRP A 1 10 ? 3.652   -1.330  -5.651  1.00 18.35 ? 15  TRP I CG  1 
ATOM   64  C CD1 . TRP A 1 10 ? 3.298   -0.452  -6.636  1.00 19.18 ? 15  TRP I CD1 1 
ATOM   65  C CD2 . TRP A 1 10 ? 4.838   -0.792  -5.037  1.00 16.75 ? 15  TRP I CD2 1 
ATOM   66  N NE1 . TRP A 1 10 ? 4.164   0.596   -6.669  1.00 19.62 ? 15  TRP I NE1 1 
ATOM   67  C CE2 . TRP A 1 10 ? 5.108   0.427   -5.711  1.00 17.57 ? 15  TRP I CE2 1 
ATOM   68  C CE3 . TRP A 1 10 ? 5.677   -1.194  -3.987  1.00 18.12 ? 15  TRP I CE3 1 
ATOM   69  C CZ2 . TRP A 1 10 ? 6.177   1.238   -5.336  1.00 18.21 ? 15  TRP I CZ2 1 
ATOM   70  C CZ3 . TRP A 1 10 ? 6.721   -0.377  -3.620  1.00 17.97 ? 15  TRP I CZ3 1 
ATOM   71  C CH2 . TRP A 1 10 ? 6.964   0.811   -4.296  1.00 17.91 ? 15  TRP I CH2 1 
ATOM   72  N N   . THR A 1 11 ? 3.649   -5.688  -4.677  1.00 19.68 ? 16  THR I N   1 
ATOM   73  C CA  . THR A 1 11 ? 3.272   -6.905  -3.935  1.00 18.29 ? 16  THR I CA  1 
ATOM   74  C C   . THR A 1 11 ? 3.158   -6.554  -2.462  1.00 18.75 ? 16  THR I C   1 
ATOM   75  O O   . THR A 1 11 ? 4.112   -5.947  -1.909  1.00 20.17 ? 16  THR I O   1 
ATOM   76  C CB  . THR A 1 11 ? 4.299   -8.003  -4.151  1.00 23.31 ? 16  THR I CB  1 
ATOM   77  O OG1 . THR A 1 11 ? 4.339   -8.234  -5.567  1.00 25.82 ? 16  THR I OG1 1 
ATOM   78  C CG2 . THR A 1 11 ? 3.878   -9.256  -3.433  1.00 26.32 ? 16  THR I CG2 1 
ATOM   79  N N   . PHE A 1 12 ? 2.001   -6.839  -1.897  1.00 18.44 ? 17  PHE I N   1 
ATOM   80  C CA  . PHE A 1 12 ? 1.663   -6.557  -0.492  1.00 18.09 ? 17  PHE I CA  1 
ATOM   81  C C   . PHE A 1 12 ? 1.664   -7.873  0.289   1.00 20.08 ? 17  PHE I C   1 
ATOM   82  O O   . PHE A 1 12 ? 1.088   -8.858  -0.191  1.00 20.08 ? 17  PHE I O   1 
ATOM   83  C CB  . PHE A 1 12 ? 0.276   -5.930  -0.384  1.00 19.04 ? 17  PHE I CB  1 
ATOM   84  C CG  . PHE A 1 12 ? 0.162   -4.519  -0.890  1.00 20.04 ? 17  PHE I CG  1 
ATOM   85  C CD1 . PHE A 1 12 ? 0.050   -4.267  -2.250  1.00 21.65 ? 17  PHE I CD1 1 
ATOM   86  C CD2 . PHE A 1 12 ? 0.137   -3.450  -0.022  1.00 22.30 ? 17  PHE I CD2 1 
ATOM   87  C CE1 . PHE A 1 12 ? -0.088  -2.975  -2.717  1.00 22.78 ? 17  PHE I CE1 1 
ATOM   88  C CE2 . PHE A 1 12 ? 0.040   -2.148  -0.498  1.00 24.14 ? 17  PHE I CE2 1 
ATOM   89  C CZ  . PHE A 1 12 ? -0.093  -1.929  -1.842  1.00 24.70 ? 17  PHE I CZ  1 
ATOM   90  N N   . TYR A 1 13 ? 2.164   -7.800  1.508   1.00 18.79 ? 18  TYR I N   1 
ATOM   91  C CA  . TYR A 1 13 ? 2.052   -8.926  2.459   1.00 18.81 ? 18  TYR I CA  1 
ATOM   92  C C   . TYR A 1 13 ? 2.274   -8.423  3.877   1.00 20.71 ? 18  TYR I C   1 
ATOM   93  O O   . TYR A 1 13 ? 2.931   -7.381  4.074   1.00 21.72 ? 18  TYR I O   1 
ATOM   94  C CB  . TYR A 1 13 ? 3.029   -10.040 2.107   1.00 20.41 ? 18  TYR I CB  1 
ATOM   95  C CG  . TYR A 1 13 ? 4.489   -9.696  2.170   1.00 22.33 ? 18  TYR I CG  1 
ATOM   96  C CD1 . TYR A 1 13 ? 5.116   -9.158  1.073   1.00 26.03 ? 18  TYR I CD1 1 
ATOM   97  C CD2 . TYR A 1 13 ? 5.225   -9.912  3.310   1.00 26.47 ? 18  TYR I CD2 1 
ATOM   98  C CE1 . TYR A 1 13 ? 6.466   -8.845  1.110   1.00 27.40 ? 18  TYR I CE1 1 
ATOM   99  C CE2 . TYR A 1 13 ? 6.572   -9.589  3.369   1.00 27.87 ? 18  TYR I CE2 1 
ATOM   100 C CZ  . TYR A 1 13 ? 7.194   -9.091  2.252   1.00 29.56 ? 18  TYR I CZ  1 
ATOM   101 O OH  . TYR A 1 13 ? 8.519   -8.769  2.262   1.00 34.19 ? 18  TYR I OH  1 
ATOM   102 N N   . VAL A 1 14 ? 1.790   -9.178  4.831   1.00 22.14 ? 19  VAL I N   1 
ATOM   103 C CA  . VAL A 1 14 ? 2.031   -8.881  6.254   1.00 23.24 ? 19  VAL I CA  1 
ATOM   104 C C   . VAL A 1 14 ? 3.329   -9.607  6.632   1.00 25.67 ? 19  VAL I C   1 
ATOM   105 O O   . VAL A 1 14 ? 3.505   -10.830 6.348   1.00 24.41 ? 19  VAL I O   1 
ATOM   106 C CB  . VAL A 1 14 ? 0.857   -9.327  7.142   1.00 24.13 ? 19  VAL I CB  1 
ATOM   107 C CG1 . VAL A 1 14 ? 1.193   -9.186  8.617   1.00 27.67 ? 19  VAL I CG1 1 
ATOM   108 C CG2 . VAL A 1 14 ? -0.432  -8.584  6.841   1.00 26.45 ? 19  VAL I CG2 1 
ATOM   109 N N   . GLN A 1 15 ? 4.235   -8.883  7.255   1.00 21.89 ? 20  GLN I N   1 
ATOM   110 C CA  . GLN A 1 15 ? 5.529   -9.446  7.675   1.00 24.68 ? 20  GLN I CA  1 
ATOM   111 C C   . GLN A 1 15 ? 5.264   -10.678 8.537   1.00 24.61 ? 20  GLN I C   1 
ATOM   112 O O   . GLN A 1 15 ? 4.394   -10.570 9.430   1.00 26.52 ? 20  GLN I O   1 
ATOM   113 C CB  . GLN A 1 15 ? 6.328   -8.442  8.493   1.00 27.15 ? 20  GLN I CB  1 
ATOM   114 C CG  . GLN A 1 15 ? 7.749   -8.879  8.758   1.00 30.87 ? 20  GLN I CG  1 
ATOM   115 C CD  . GLN A 1 15 ? 8.657   -7.998  7.940   1.00 40.50 ? 20  GLN I CD  1 
ATOM   116 O OE1 . GLN A 1 15 ? 9.006   -6.870  8.325   1.00 41.72 ? 20  GLN I OE1 1 
ATOM   117 N NE2 . GLN A 1 15 ? 8.961   -8.475  6.750   1.00 39.82 ? 20  GLN I NE2 1 
ATOM   118 N N   . GLY A 1 16 ? 5.969   -11.772 8.214   1.00 26.89 ? 21  GLY I N   1 
ATOM   119 C CA  . GLY A 1 16 ? 5.801   -13.067 8.891   1.00 31.27 ? 21  GLY I CA  1 
ATOM   120 C C   . GLY A 1 16 ? 4.811   -13.942 8.146   1.00 33.31 ? 21  GLY I C   1 
ATOM   121 O O   . GLY A 1 16 ? 4.734   -15.146 8.442   1.00 32.51 ? 21  GLY I O   1 
ATOM   122 N N   . ALA A 1 17 ? 4.074   -13.370 7.197   1.00 27.95 ? 22  ALA I N   1 
ATOM   123 C CA  . ALA A 1 17 ? 3.048   -14.096 6.410   1.00 27.94 ? 22  ALA I CA  1 
ATOM   124 C C   . ALA A 1 17 ? 3.282   -13.848 4.915   1.00 26.03 ? 22  ALA I C   1 
ATOM   125 O O   . ALA A 1 17 ? 2.287   -13.687 4.198   1.00 25.84 ? 22  ALA I O   1 
ATOM   126 C CB  . ALA A 1 17 ? 1.658   -13.699 6.844   1.00 28.50 ? 22  ALA I CB  1 
ATOM   127 N N   . GLU A 1 18 ? 4.535   -13.935 4.469   1.00 28.68 ? 23  GLU I N   1 
ATOM   128 C CA  . GLU A 1 18 ? 4.976   -13.688 3.069   1.00 27.52 ? 23  GLU I CA  1 
ATOM   129 C C   . GLU A 1 18 ? 4.260   -14.642 2.105   1.00 28.26 ? 23  GLU I C   1 
ATOM   130 O O   . GLU A 1 18 ? 4.059   -14.265 0.919   1.00 28.48 ? 23  GLU I O   1 
ATOM   131 C CB  . GLU A 1 18 ? 6.488   -13.891 2.888   1.00 32.97 ? 23  GLU I CB  1 
ATOM   132 C CG  . GLU A 1 18 ? 7.346   -12.904 3.650   1.00 39.92 ? 23  GLU I CG  1 
ATOM   133 C CD  . GLU A 1 18 ? 7.332   -12.999 5.174   1.00 45.11 ? 23  GLU I CD  1 
ATOM   134 O OE1 . GLU A 1 18 ? 7.088   -14.128 5.707   1.00 45.90 ? 23  GLU I OE1 1 
ATOM   135 O OE2 . GLU A 1 18 ? 7.563   -11.944 5.834   1.00 40.25 ? 23  GLU I OE2 1 
ATOM   136 N N   . GLN A 1 19 ? 3.897   -15.846 2.544   1.00 28.37 ? 24  GLN I N   1 
ATOM   137 C CA  . GLN A 1 19 ? 3.209   -16.824 1.653   1.00 29.61 ? 24  GLN I CA  1 
ATOM   138 C C   . GLN A 1 19 ? 1.830   -16.318 1.217   1.00 27.58 ? 24  GLN I C   1 
ATOM   139 O O   . GLN A 1 19 ? 1.301   -16.887 0.232   1.00 30.21 ? 24  GLN I O   1 
ATOM   140 C CB  . GLN A 1 19 ? 3.041   -18.201 2.307   1.00 30.74 ? 24  GLN I CB  1 
ATOM   141 C CG  . GLN A 1 19 ? 2.129   -18.225 3.527   1.00 33.63 ? 24  GLN I CG  1 
ATOM   142 C CD  . GLN A 1 19 ? 2.660   -17.609 4.805   1.00 37.16 ? 24  GLN I CD  1 
ATOM   143 O OE1 . GLN A 1 19 ? 3.817   -17.203 4.899   1.00 39.65 ? 24  GLN I OE1 1 
ATOM   144 N NE2 . GLN A 1 19 ? 1.800   -17.542 5.811   1.00 43.26 ? 24  GLN I NE2 1 
ATOM   145 N N   . ASP A 1 20 ? 1.231   -15.381 1.949   1.00 24.33 ? 25  ASP I N   1 
ATOM   146 C CA  . ASP A 1 20 ? -0.101  -14.793 1.677   1.00 25.35 ? 25  ASP I CA  1 
ATOM   147 C C   . ASP A 1 20 ? 0.145   -13.389 1.085   1.00 26.56 ? 25  ASP I C   1 
ATOM   148 O O   . ASP A 1 20 ? 0.048   -12.387 1.818   1.00 31.22 ? 25  ASP I O   1 
ATOM   149 C CB  . ASP A 1 20 ? -0.977  -14.799 2.928   1.00 28.50 ? 25  ASP I CB  1 
ATOM   150 C CG  . ASP A 1 20 ? -2.353  -14.233 2.661   1.00 32.30 ? 25  ASP I CG  1 
ATOM   151 O OD1 . ASP A 1 20 ? -2.684  -14.059 1.454   1.00 32.47 ? 25  ASP I OD1 1 
ATOM   152 O OD2 . ASP A 1 20 ? -3.066  -13.923 3.654   1.00 33.10 ? 25  ASP I OD2 1 
ATOM   153 N N   . ALA A 1 21 ? 0.555   -13.335 -0.163  1.00 27.41 ? 26  ALA I N   1 
ATOM   154 C CA  . ALA A 1 21 ? 0.989   -12.074 -0.809  1.00 24.08 ? 26  ALA I CA  1 
ATOM   155 C C   . ALA A 1 21 ? -0.007  -11.729 -1.908  1.00 27.04 ? 26  ALA I C   1 
ATOM   156 O O   . ALA A 1 21 ? -0.571  -12.630 -2.592  1.00 28.44 ? 26  ALA I O   1 
ATOM   157 C CB  . ALA A 1 21 ? 2.385   -12.200 -1.355  1.00 24.82 ? 26  ALA I CB  1 
ATOM   158 N N   . CYS A 1 22 ? -0.211  -10.438 -2.132  1.00 24.52 ? 27  CYS I N   1 
ATOM   159 C CA  . CYS A 1 22 ? -1.219  -9.953  -3.099  1.00 25.15 ? 27  CYS I CA  1 
ATOM   160 C C   . CYS A 1 22 ? -0.540  -8.939  -4.011  1.00 23.84 ? 27  CYS I C   1 
ATOM   161 O O   . CYS A 1 22 ? 0.071   -8.033  -3.483  1.00 24.56 ? 27  CYS I O   1 
ATOM   162 C CB  . CYS A 1 22 ? -2.341  -9.310  -2.305  1.00 29.98 ? 27  CYS I CB  1 
ATOM   163 S SG  . CYS A 1 22 ? -3.639  -8.515  -3.293  1.00 37.53 ? 27  CYS I SG  1 
ATOM   164 N N   . THR A 1 23 ? -0.611  -9.117  -5.317  1.00 20.50 ? 28  THR I N   1 
ATOM   165 C CA  . THR A 1 23 ? -0.047  -8.167  -6.299  1.00 21.83 ? 28  THR I CA  1 
ATOM   166 C C   . THR A 1 23 ? -1.169  -7.219  -6.704  1.00 22.43 ? 28  THR I C   1 
ATOM   167 O O   . THR A 1 23 ? -2.245  -7.716  -7.189  1.00 21.77 ? 28  THR I O   1 
ATOM   168 C CB  . THR A 1 23 ? 0.576   -8.907  -7.482  1.00 24.27 ? 28  THR I CB  1 
ATOM   169 O OG1 . THR A 1 23 ? 1.540   -9.812  -6.943  1.00 29.75 ? 28  THR I OG1 1 
ATOM   170 C CG2 . THR A 1 23 ? 1.222   -7.955  -8.469  1.00 25.84 ? 28  THR I CG2 1 
ATOM   171 N N   . VAL A 1 24 ? -0.915  -5.907  -6.659  1.00 20.43 ? 29  VAL I N   1 
ATOM   172 C CA  . VAL A 1 24 ? -1.897  -4.833  -6.920  1.00 19.73 ? 29  VAL I CA  1 
ATOM   173 C C   . VAL A 1 24 ? -1.207  -3.840  -7.846  1.00 19.95 ? 29  VAL I C   1 
ATOM   174 O O   . VAL A 1 24 ? -0.071  -3.502  -7.573  1.00 20.60 ? 29  VAL I O   1 
ATOM   175 C CB  . VAL A 1 24 ? -2.342  -4.138  -5.632  1.00 22.37 ? 29  VAL I CB  1 
ATOM   176 C CG1 . VAL A 1 24 ? -3.339  -3.018  -5.915  1.00 24.55 ? 29  VAL I CG1 1 
ATOM   177 C CG2 . VAL A 1 24 ? -2.900  -5.129  -4.635  1.00 21.91 ? 29  VAL I CG2 1 
ATOM   178 N N   . THR A 1 25 ? -1.906  -3.355  -8.852  1.00 20.53 ? 30  THR I N   1 
ATOM   179 C CA  . THR A 1 25 ? -1.417  -2.210  -9.635  1.00 20.61 ? 30  THR I CA  1 
ATOM   180 C C   . THR A 1 25 ? -1.835  -0.892  -8.976  1.00 20.43 ? 30  THR I C   1 
ATOM   181 O O   . THR A 1 25 ? -3.041  -0.694  -8.708  1.00 21.55 ? 30  THR I O   1 
ATOM   182 C CB  . THR A 1 25 ? -1.956  -2.220  -11.060 1.00 25.24 ? 30  THR I CB  1 
ATOM   183 O OG1 . THR A 1 25 ? -1.633  -3.471  -11.650 1.00 28.43 ? 30  THR I OG1 1 
ATOM   184 C CG2 . THR A 1 25 ? -1.342  -1.097  -11.849 1.00 23.90 ? 30  THR I CG2 1 
ATOM   185 N N   . LEU A 1 26 ? -0.853  -0.028  -8.744  1.00 19.49 ? 31  LEU I N   1 
ATOM   186 C CA  . LEU A 1 26 ? -1.051  1.392   -8.388  1.00 19.64 ? 31  LEU I CA  1 
ATOM   187 C C   . LEU A 1 26 ? -1.070  2.141   -9.707  1.00 19.85 ? 31  LEU I C   1 
ATOM   188 O O   . LEU A 1 26 ? -0.047  2.206   -10.369 1.00 22.44 ? 31  LEU I O   1 
ATOM   189 C CB  . LEU A 1 26 ? 0.024   1.899   -7.435  1.00 18.23 ? 31  LEU I CB  1 
ATOM   190 C CG  . LEU A 1 26 ? -0.253  1.682   -5.956  1.00 19.61 ? 31  LEU I CG  1 
ATOM   191 C CD1 . LEU A 1 26 ? -0.303  0.186   -5.593  1.00 20.20 ? 31  LEU I CD1 1 
ATOM   192 C CD2 . LEU A 1 26 ? 0.801   2.404   -5.131  1.00 20.75 ? 31  LEU I CD2 1 
ATOM   193 N N   . LYS A 1 27 ? -2.274  2.525   -10.104 1.00 18.97 ? 32  LYS I N   1 
ATOM   194 C CA  . LYS A 1 27 ? -2.502  3.207   -11.394 1.00 23.78 ? 32  LYS I CA  1 
ATOM   195 C C   . LYS A 1 27 ? -1.964  4.644   -11.314 1.00 23.53 ? 32  LYS I C   1 
ATOM   196 O O   . LYS A 1 27 ? -2.028  5.279   -10.260 1.00 22.30 ? 32  LYS I O   1 
ATOM   197 C CB  . LYS A 1 27 ? -3.984  3.076   -11.733 1.00 26.96 ? 32  LYS I CB  1 
ATOM   198 C CG  . LYS A 1 27 ? -4.457  1.646   -11.907 1.00 29.73 ? 32  LYS I CG  1 
ATOM   199 C CD  . LYS A 1 27 ? -5.650  1.505   -12.807 1.00 39.05 ? 32  LYS I CD  1 
ATOM   200 C CE  . LYS A 1 27 ? -6.930  1.192   -12.074 1.00 46.81 ? 32  LYS I CE  1 
ATOM   201 N NZ  . LYS A 1 27 ? -7.997  0.833   -13.041 1.00 50.26 ? 32  LYS I NZ  1 
ATOM   202 N N   . LYS A 1 28 ? -1.496  5.166   -12.431 1.00 28.61 ? 33  LYS I N   1 
ATOM   203 C CA  . LYS A 1 28 ? -0.906  6.534   -12.526 1.00 28.00 ? 33  LYS I CA  1 
ATOM   204 C C   . LYS A 1 28 ? -1.871  7.632   -12.064 1.00 26.39 ? 33  LYS I C   1 
ATOM   205 O O   . LYS A 1 28 ? -1.365  8.666   -11.585 1.00 29.05 ? 33  LYS I O   1 
ATOM   206 C CB  . LYS A 1 28 ? -0.440  6.760   -13.961 1.00 31.39 ? 33  LYS I CB  1 
ATOM   207 C CG  . LYS A 1 28 ? 0.882   6.069   -14.243 1.00 36.81 ? 33  LYS I CG  1 
ATOM   208 C CD  . LYS A 1 28 ? 1.585   6.528   -15.506 1.00 40.44 ? 33  LYS I CD  1 
ATOM   209 C CE  . LYS A 1 28 ? 2.214   7.889   -15.355 1.00 46.05 ? 33  LYS I CE  1 
ATOM   210 N NZ  . LYS A 1 28 ? 3.383   8.047   -16.252 1.00 56.10 ? 33  LYS I NZ  1 
ATOM   211 N N   . ASP A 1 29 ? -3.167  7.370   -12.101 1.00 23.89 ? 34  ASP I N   1 
ATOM   212 C CA  . ASP A 1 29 ? -4.232  8.331   -11.687 1.00 24.98 ? 34  ASP I CA  1 
ATOM   213 C C   . ASP A 1 29 ? -4.572  8.175   -10.191 1.00 24.77 ? 34  ASP I C   1 
ATOM   214 O O   . ASP A 1 29 ? -5.608  8.691   -9.731  1.00 24.94 ? 34  ASP I O   1 
ATOM   215 C CB  . ASP A 1 29 ? -5.462  8.174   -12.577 1.00 28.20 ? 34  ASP I CB  1 
ATOM   216 C CG  . ASP A 1 29 ? -6.269  6.927   -12.297 1.00 29.17 ? 34  ASP I CG  1 
ATOM   217 O OD1 . ASP A 1 29 ? -5.800  6.066   -11.513 1.00 29.41 ? 34  ASP I OD1 1 
ATOM   218 O OD2 . ASP A 1 29 ? -7.383  6.843   -12.816 1.00 32.19 ? 34  ASP I OD2 1 
ATOM   219 N N   . ARG A 1 30 ? -3.718  7.474   -9.452  1.00 23.67 ? 35  ARG I N   1 
ATOM   220 C CA  . ARG A 1 30 ? -3.759  7.334   -7.979  1.00 22.96 ? 35  ARG I CA  1 
ATOM   221 C C   . ARG A 1 30 ? -4.959  6.477   -7.541  1.00 20.91 ? 35  ARG I C   1 
ATOM   222 O O   . ARG A 1 30 ? -5.379  6.606   -6.411  1.00 21.88 ? 35  ARG I O   1 
ATOM   223 C CB  . ARG A 1 30 ? -3.642  8.731   -7.343  1.00 23.26 ? 35  ARG I CB  1 
ATOM   224 C CG  . ARG A 1 30 ? -2.268  9.355   -7.556  1.00 23.57 ? 35  ARG I CG  1 
ATOM   225 C CD  . ARG A 1 30 ? -1.968  10.505  -6.634  1.00 28.34 ? 35  ARG I CD  1 
ATOM   226 N NE  . ARG A 1 30 ? -3.009  11.509  -6.782  1.00 33.29 ? 35  ARG I NE  1 
ATOM   227 C CZ  . ARG A 1 30 ? -4.022  11.718  -5.924  1.00 35.65 ? 35  ARG I CZ  1 
ATOM   228 N NH1 . ARG A 1 30 ? -4.147  11.008  -4.809  1.00 34.91 ? 35  ARG I NH1 1 
ATOM   229 N NH2 . ARG A 1 30 ? -4.935  12.641  -6.186  1.00 38.07 ? 35  ARG I NH2 1 
ATOM   230 N N   . THR A 1 31 ? -5.405  5.536   -8.354  1.00 20.47 ? 36  THR I N   1 
ATOM   231 C CA  . THR A 1 31 ? -6.313  4.454   -7.976  1.00 20.88 ? 36  THR I CA  1 
ATOM   232 C C   . THR A 1 31 ? -5.558  3.142   -8.016  1.00 20.54 ? 36  THR I C   1 
ATOM   233 O O   . THR A 1 31 ? -4.335  3.132   -8.199  1.00 20.19 ? 36  THR I O   1 
ATOM   234 C CB  . THR A 1 31 ? -7.542  4.428   -8.881  1.00 22.00 ? 36  THR I CB  1 
ATOM   235 O OG1 . THR A 1 31 ? -7.131  4.178   -10.221 1.00 24.62 ? 36  THR I OG1 1 
ATOM   236 C CG2 . THR A 1 31 ? -8.232  5.759   -8.815  1.00 22.35 ? 36  THR I CG2 1 
ATOM   237 N N   . PHE A 1 32 ? -6.279  2.068   -7.746  1.00 20.05 ? 37  PHE I N   1 
ATOM   238 C CA  . PHE A 1 32 ? -5.732  0.706   -7.723  1.00 19.42 ? 37  PHE I CA  1 
ATOM   239 C C   . PHE A 1 32 ? -6.485  -0.204  -8.670  1.00 21.91 ? 37  PHE I C   1 
ATOM   240 O O   . PHE A 1 32 ? -7.636  0.037   -8.916  1.00 24.07 ? 37  PHE I O   1 
ATOM   241 C CB  . PHE A 1 32 ? -5.915  0.066   -6.359  1.00 20.76 ? 37  PHE I CB  1 
ATOM   242 C CG  . PHE A 1 32 ? -5.348  0.854   -5.204  1.00 19.06 ? 37  PHE I CG  1 
ATOM   243 C CD1 . PHE A 1 32 ? -4.019  0.732   -4.838  1.00 18.47 ? 37  PHE I CD1 1 
ATOM   244 C CD2 . PHE A 1 32 ? -6.182  1.683   -4.461  1.00 20.43 ? 37  PHE I CD2 1 
ATOM   245 C CE1 . PHE A 1 32 ? -3.542  1.427   -3.743  1.00 19.74 ? 37  PHE I CE1 1 
ATOM   246 C CE2 . PHE A 1 32 ? -5.693  2.379   -3.364  1.00 20.72 ? 37  PHE I CE2 1 
ATOM   247 C CZ  . PHE A 1 32 ? -4.377  2.225   -2.994  1.00 18.21 ? 37  PHE I CZ  1 
ATOM   248 N N   . SER A 1 33 ? -5.832  -1.244  -9.137  1.00 23.01 ? 38  SER I N   1 
ATOM   249 C CA  . SER A 1 33 ? -6.544  -2.360  -9.779  1.00 23.16 ? 38  SER I CA  1 
ATOM   250 C C   . SER A 1 33 ? -7.457  -3.041  -8.742  1.00 23.48 ? 38  SER I C   1 
ATOM   251 O O   . SER A 1 33 ? -7.322  -2.830  -7.528  1.00 23.56 ? 38  SER I O   1 
ATOM   252 C CB  . SER A 1 33 ? -5.553  -3.292  -10.415 1.00 25.53 ? 38  SER I CB  1 
ATOM   253 O OG  . SER A 1 33 ? -4.793  -3.968  -9.434  1.00 24.10 ? 38  SER I OG  1 
ATOM   254 N N   . ALA A 1 34 ? -8.436  -3.807  -9.232  1.00 26.55 ? 39  ALA I N   1 
ATOM   255 C CA  . ALA A 1 34 ? -9.486  -4.437  -8.404  1.00 29.71 ? 39  ALA I CA  1 
ATOM   256 C C   . ALA A 1 34 ? -8.891  -5.350  -7.327  1.00 28.02 ? 39  ALA I C   1 
ATOM   257 O O   . ALA A 1 34 ? -9.570  -5.550  -6.282  1.00 30.15 ? 39  ALA I O   1 
ATOM   258 C CB  . ALA A 1 34 ? -10.408 -5.212  -9.315  1.00 31.85 ? 39  ALA I CB  1 
ATOM   259 N N   . GLN A 1 35 ? -7.683  -5.861  -7.573  1.00 28.92 ? 40  GLN I N   1 
ATOM   260 C CA  . GLN A 1 35 ? -6.934  -6.796  -6.706  1.00 28.61 ? 40  GLN I CA  1 
ATOM   261 C C   . GLN A 1 35 ? -6.729  -6.155  -5.328  1.00 28.77 ? 40  GLN I C   1 
ATOM   262 O O   . GLN A 1 35 ? -6.507  -6.933  -4.363  1.00 29.00 ? 40  GLN I O   1 
ATOM   263 C CB  . GLN A 1 35 ? -5.601  -7.183  -7.339  1.00 32.24 ? 40  GLN I CB  1 
ATOM   264 C CG  . GLN A 1 35 ? -5.726  -8.236  -8.430  1.00 32.81 ? 40  GLN I CG  1 
ATOM   265 C CD  . GLN A 1 35 ? -6.222  -7.694  -9.740  1.00 36.67 ? 40  GLN I CD  1 
ATOM   266 O OE1 . GLN A 1 35 ? -6.170  -6.498  -9.986  1.00 37.22 ? 40  GLN I OE1 1 
ATOM   267 N NE2 . GLN A 1 35 ? -6.659  -8.591  -10.616 1.00 37.40 ? 40  GLN I NE2 1 
ATOM   268 N N   . VAL A 1 36 ? -6.863  -4.821  -5.191  1.00 25.96 ? 41  VAL I N   1 
ATOM   269 C CA  . VAL A 1 36 ? -6.685  -4.117  -3.888  1.00 27.01 ? 41  VAL I CA  1 
ATOM   270 C C   . VAL A 1 36 ? -7.683  -4.645  -2.840  1.00 28.24 ? 41  VAL I C   1 
ATOM   271 O O   . VAL A 1 36 ? -7.440  -4.423  -1.631  1.00 29.06 ? 41  VAL I O   1 
ATOM   272 C CB  . VAL A 1 36 ? -6.830  -2.596  -4.041  1.00 27.22 ? 41  VAL I CB  1 
ATOM   273 C CG1 . VAL A 1 36 ? -8.256  -2.176  -4.326  1.00 28.92 ? 41  VAL I CG1 1 
ATOM   274 C CG2 . VAL A 1 36 ? -6.278  -1.860  -2.840  1.00 27.26 ? 41  VAL I CG2 1 
ATOM   275 N N   . SER A 1 37 ? -8.766  -5.294  -3.283  1.00 30.16 ? 42  SER I N   1 
ATOM   276 C CA  . SER A 1 37 ? -9.740  -6.001  -2.407  1.00 34.28 ? 42  SER I CA  1 
ATOM   277 C C   . SER A 1 37 ? -9.013  -6.817  -1.328  1.00 31.14 ? 42  SER I C   1 
ATOM   278 O O   . SER A 1 37 ? -9.522  -6.892  -0.201  1.00 33.11 ? 42  SER I O   1 
ATOM   279 C CB  . SER A 1 37 ? -10.661 -6.867  -3.242  1.00 34.63 ? 42  SER I CB  1 
ATOM   280 O OG  . SER A 1 37 ? -10.010 -8.067  -3.645  1.00 40.23 ? 42  SER I OG  1 
ATOM   281 N N   . CYS A 1 38 ? -7.832  -7.367  -1.631  1.00 31.26 ? 43  CYS I N   1 
ATOM   282 C CA  . CYS A 1 38 ? -7.084  -8.252  -0.704  1.00 30.40 ? 43  CYS I CA  1 
ATOM   283 C C   . CYS A 1 38 ? -6.682  -7.517  0.568   1.00 30.49 ? 43  CYS I C   1 
ATOM   284 O O   . CYS A 1 38 ? -6.557  -8.159  1.620   1.00 31.35 ? 43  CYS I O   1 
ATOM   285 C CB  . CYS A 1 38 ? -5.803  -8.798  -1.308  1.00 30.65 ? 43  CYS I CB  1 
ATOM   286 S SG  . CYS A 1 38 ? -4.616  -7.505  -1.782  1.00 35.95 ? 43  CYS I SG  1 
ATOM   287 N N   . LEU A 1 39 ? -6.518  -6.203  0.518   1.00 30.12 ? 44  LEU I N   1 
ATOM   288 C CA  . LEU A 1 39 ? -6.047  -5.450  1.708   1.00 29.18 ? 44  LEU I CA  1 
ATOM   289 C C   . LEU A 1 39 ? -7.141  -5.374  2.763   1.00 30.28 ? 44  LEU I C   1 
ATOM   290 O O   . LEU A 1 39 ? -6.790  -5.093  3.915   1.00 28.69 ? 44  LEU I O   1 
ATOM   291 C CB  . LEU A 1 39 ? -5.596  -4.043  1.306   1.00 27.61 ? 44  LEU I CB  1 
ATOM   292 C CG  . LEU A 1 39 ? -4.482  -3.971  0.265   1.00 29.95 ? 44  LEU I CG  1 
ATOM   293 C CD1 . LEU A 1 39 ? -4.058  -2.515  0.051   1.00 32.68 ? 44  LEU I CD1 1 
ATOM   294 C CD2 . LEU A 1 39 ? -3.266  -4.793  0.658   1.00 32.28 ? 44  LEU I CD2 1 
ATOM   295 N N   . GLN A 1 40 ? -8.393  -5.689  2.416   1.00 29.76 ? 45  GLN I N   1 
ATOM   296 C CA  . GLN A 1 40 ? -9.534  -5.767  3.377   1.00 34.68 ? 45  GLN I CA  1 
ATOM   297 C C   . GLN A 1 40 ? -9.208  -6.761  4.501   1.00 32.06 ? 45  GLN I C   1 
ATOM   298 O O   . GLN A 1 40 ? -9.626  -6.561  5.620   1.00 34.33 ? 45  GLN I O   1 
ATOM   299 C CB  . GLN A 1 40 ? -10.805 -6.190  2.625   1.00 35.76 ? 45  GLN I CB  1 
ATOM   300 C CG  . GLN A 1 40 ? -12.075 -6.279  3.480   1.00 40.54 ? 45  GLN I CG  1 
ATOM   301 C CD  . GLN A 1 40 ? -12.351 -7.651  4.066   1.00 40.45 ? 45  GLN I CD  1 
ATOM   302 O OE1 . GLN A 1 40 ? -11.621 -8.614  3.856   1.00 38.59 ? 45  GLN I OE1 1 
ATOM   303 N NE2 . GLN A 1 40 ? -13.444 -7.745  4.799   1.00 47.15 ? 45  GLN I NE2 1 
ATOM   304 N N   . ALA A 1 41 ? -8.467  -7.813  4.215   1.00 34.18 ? 46  ALA I N   1 
ATOM   305 C CA  . ALA A 1 41 ? -8.105  -8.828  5.225   1.00 31.76 ? 46  ALA I CA  1 
ATOM   306 C C   . ALA A 1 41 ? -7.170  -8.207  6.259   1.00 30.09 ? 46  ALA I C   1 
ATOM   307 O O   . ALA A 1 41 ? -7.064  -8.759  7.390   1.00 33.47 ? 46  ALA I O   1 
ATOM   308 C CB  . ALA A 1 41 ? -7.449  -10.004 4.557   1.00 36.54 ? 46  ALA I CB  1 
ATOM   309 N N   . TRP A 1 42 ? -6.504  -7.096  5.931   1.00 28.02 ? 47  TRP I N   1 
ATOM   310 C CA  . TRP A 1 42 ? -5.343  -6.616  6.732   1.00 26.86 ? 47  TRP I CA  1 
ATOM   311 C C   . TRP A 1 42 ? -5.609  -5.232  7.341   1.00 28.67 ? 47  TRP I C   1 
ATOM   312 O O   . TRP A 1 42 ? -5.014  -4.894  8.386   1.00 30.46 ? 47  TRP I O   1 
ATOM   313 C CB  . TRP A 1 42 ? -4.088  -6.598  5.850   1.00 27.24 ? 47  TRP I CB  1 
ATOM   314 C CG  . TRP A 1 42 ? -3.678  -7.946  5.342   1.00 28.32 ? 47  TRP I CG  1 
ATOM   315 C CD1 . TRP A 1 42 ? -3.821  -9.145  5.979   1.00 31.54 ? 47  TRP I CD1 1 
ATOM   316 C CD2 . TRP A 1 42 ? -3.016  -8.242  4.099   1.00 27.87 ? 47  TRP I CD2 1 
ATOM   317 N NE1 . TRP A 1 42 ? -3.291  -10.154 5.224   1.00 32.72 ? 47  TRP I NE1 1 
ATOM   318 C CE2 . TRP A 1 42 ? -2.815  -9.636  4.051   1.00 31.56 ? 47  TRP I CE2 1 
ATOM   319 C CE3 . TRP A 1 42 ? -2.583  -7.476  3.022   1.00 26.15 ? 47  TRP I CE3 1 
ATOM   320 C CZ2 . TRP A 1 42 ? -2.199  -10.274 2.977   1.00 29.39 ? 47  TRP I CZ2 1 
ATOM   321 C CZ3 . TRP A 1 42 ? -1.992  -8.107  1.954   1.00 26.23 ? 47  TRP I CZ3 1 
ATOM   322 C CH2 . TRP A 1 42 ? -1.798  -9.486  1.928   1.00 25.25 ? 47  TRP I CH2 1 
ATOM   323 N N   . LEU A 1 43 ? -6.405  -4.414  6.679   1.00 25.81 ? 48  LEU I N   1 
ATOM   324 C CA  . LEU A 1 43 ? -6.643  -3.015  7.086   1.00 24.22 ? 48  LEU I CA  1 
ATOM   325 C C   . LEU A 1 43 ? -8.119  -2.869  7.473   1.00 23.38 ? 48  LEU I C   1 
ATOM   326 O O   . LEU A 1 43 ? -8.972  -3.478  6.781   1.00 26.12 ? 48  LEU I O   1 
ATOM   327 C CB  . LEU A 1 43 ? -6.278  -2.095  5.911   1.00 24.16 ? 48  LEU I CB  1 
ATOM   328 C CG  . LEU A 1 43 ? -4.836  -2.146  5.415   1.00 26.60 ? 48  LEU I CG  1 
ATOM   329 C CD1 . LEU A 1 43 ? -4.658  -1.277  4.193   1.00 26.47 ? 48  LEU I CD1 1 
ATOM   330 C CD2 . LEU A 1 43 ? -3.850  -1.763  6.503   1.00 30.08 ? 48  LEU I CD2 1 
ATOM   331 N N   . GLY A 1 44 ? -8.367  -2.011  8.452   1.00 26.82 ? 49  GLY I N   1 
ATOM   332 C CA  . GLY A 1 44 ? -9.731  -1.629  8.880   1.00 25.43 ? 49  GLY I CA  1 
ATOM   333 C C   . GLY A 1 44 ? -10.489 -0.887  7.796   1.00 29.48 ? 49  GLY I C   1 
ATOM   334 O O   . GLY A 1 44 ? -11.704 -1.079  7.644   1.00 28.73 ? 49  GLY I O   1 
ATOM   335 N N   . ARG A 1 45 ? -9.768  -0.087  7.016   1.00 26.92 ? 50  ARG I N   1 
ATOM   336 C CA  . ARG A 1 45 ? -10.339 0.787   5.975   1.00 27.72 ? 50  ARG I CA  1 
ATOM   337 C C   . ARG A 1 45 ? -9.759  0.335   4.652   1.00 27.00 ? 50  ARG I C   1 
ATOM   338 O O   . ARG A 1 45 ? -8.550  0.367   4.550   1.00 28.82 ? 50  ARG I O   1 
ATOM   339 C CB  . ARG A 1 45 ? -9.990  2.229   6.327   1.00 30.29 ? 50  ARG I CB  1 
ATOM   340 C CG  . ARG A 1 45 ? -10.786 3.222   5.503   1.00 34.33 ? 50  ARG I CG  1 
ATOM   341 C CD  . ARG A 1 45 ? -10.282 4.639   5.664   1.00 35.48 ? 50  ARG I CD  1 
ATOM   342 N NE  . ARG A 1 45 ? -10.385 5.054   7.057   1.00 38.27 ? 50  ARG I NE  1 
ATOM   343 C CZ  . ARG A 1 45 ? -11.530 5.323   7.695   1.00 40.21 ? 50  ARG I CZ  1 
ATOM   344 N NH1 . ARG A 1 45 ? -12.708 5.200   7.088   1.00 37.53 ? 50  ARG I NH1 1 
ATOM   345 N NH2 . ARG A 1 45 ? -11.485 5.735   8.954   1.00 38.47 ? 50  ARG I NH2 1 
ATOM   346 N N   . THR A 1 46 ? -10.567 -0.133  3.714   1.00 27.72 ? 51  THR I N   1 
ATOM   347 C CA  . THR A 1 46 ? -10.093 -0.570  2.391   1.00 28.15 ? 51  THR I CA  1 
ATOM   348 C C   . THR A 1 46 ? -9.684  0.657   1.568   1.00 26.59 ? 51  THR I C   1 
ATOM   349 O O   . THR A 1 46 ? -10.464 1.573   1.414   1.00 26.32 ? 51  THR I O   1 
ATOM   350 C CB  . THR A 1 46 ? -11.187 -1.343  1.663   1.00 33.34 ? 51  THR I CB  1 
ATOM   351 O OG1 . THR A 1 46 ? -11.398 -2.539  2.422   1.00 37.39 ? 51  THR I OG1 1 
ATOM   352 C CG2 . THR A 1 46 ? -10.784 -1.683  0.252   1.00 34.84 ? 51  THR I CG2 1 
ATOM   353 N N   . PRO A 1 47 ? -8.456  0.721   1.009   1.00 25.33 ? 52  PRO I N   1 
ATOM   354 C CA  . PRO A 1 47 ? -8.032  1.886   0.250   1.00 23.25 ? 52  PRO I CA  1 
ATOM   355 C C   . PRO A 1 47 ? -8.658  1.989   -1.144  1.00 24.68 ? 52  PRO I C   1 
ATOM   356 O O   . PRO A 1 47 ? -8.861  0.923   -1.781  1.00 24.50 ? 52  PRO I O   1 
ATOM   357 C CB  . PRO A 1 47 ? -6.523  1.646   0.045   1.00 25.15 ? 52  PRO I CB  1 
ATOM   358 C CG  . PRO A 1 47 ? -6.154  0.492   0.909   1.00 28.08 ? 52  PRO I CG  1 
ATOM   359 C CD  . PRO A 1 47 ? -7.409  -0.311  1.116   1.00 27.14 ? 52  PRO I CD  1 
ATOM   360 N N   . THR A 1 48 ? -9.020  3.196   -1.556  1.00 21.85 ? 53  THR I N   1 
ATOM   361 C CA  . THR A 1 48 ? -9.536  3.462   -2.923  1.00 24.27 ? 53  THR I CA  1 
ATOM   362 C C   . THR A 1 48 ? -8.569  4.360   -3.675  1.00 22.13 ? 53  THR I C   1 
ATOM   363 O O   . THR A 1 48 ? -8.622  4.347   -4.922  1.00 22.46 ? 53  THR I O   1 
ATOM   364 C CB  . THR A 1 48 ? -10.950 4.064   -2.891  1.00 27.76 ? 53  THR I CB  1 
ATOM   365 O OG1 . THR A 1 48 ? -10.925 5.282   -2.147  1.00 31.32 ? 53  THR I OG1 1 
ATOM   366 C CG2 . THR A 1 48 ? -11.951 3.106   -2.283  1.00 30.82 ? 53  THR I CG2 1 
ATOM   367 N N   . THR A 1 49 ? -7.749  5.176   -2.997  1.00 20.68 ? 54  THR I N   1 
ATOM   368 C CA  . THR A 1 49 ? -6.747  6.004   -3.667  1.00 20.74 ? 54  THR I CA  1 
ATOM   369 C C   . THR A 1 49 ? -5.452  6.000   -2.857  1.00 20.53 ? 54  THR I C   1 
ATOM   370 O O   . THR A 1 49 ? -5.395  5.403   -1.782  1.00 21.61 ? 54  THR I O   1 
ATOM   371 C CB  . THR A 1 49 ? -7.205  7.430   -3.927  1.00 23.20 ? 54  THR I CB  1 
ATOM   372 O OG1 . THR A 1 49 ? -7.406  8.116   -2.683  1.00 27.15 ? 54  THR I OG1 1 
ATOM   373 C CG2 . THR A 1 49 ? -8.495  7.468   -4.721  1.00 22.89 ? 54  THR I CG2 1 
ATOM   374 N N   . TRP A 1 50 ? -4.424  6.562   -3.456  1.00 20.10 ? 55  TRP I N   1 
ATOM   375 C CA  . TRP A 1 50 ? -3.109  6.651   -2.795  1.00 20.34 ? 55  TRP I CA  1 
ATOM   376 C C   . TRP A 1 50 ? -2.470  7.982   -3.122  1.00 19.23 ? 55  TRP I C   1 
ATOM   377 O O   . TRP A 1 50 ? -2.776  8.580   -4.130  1.00 21.69 ? 55  TRP I O   1 
ATOM   378 C CB  . TRP A 1 50 ? -2.236  5.451   -3.170  1.00 22.26 ? 55  TRP I CB  1 
ATOM   379 C CG  . TRP A 1 50 ? -2.014  5.279   -4.640  1.00 21.84 ? 55  TRP I CG  1 
ATOM   380 C CD1 . TRP A 1 50 ? -2.753  4.549   -5.523  1.00 20.63 ? 55  TRP I CD1 1 
ATOM   381 C CD2 . TRP A 1 50 ? -0.906  5.820   -5.388  1.00 19.11 ? 55  TRP I CD2 1 
ATOM   382 N NE1 . TRP A 1 50 ? -2.202  4.625   -6.764  1.00 20.30 ? 55  TRP I NE1 1 
ATOM   383 C CE2 . TRP A 1 50 ? -1.060  5.386   -6.717  1.00 20.06 ? 55  TRP I CE2 1 
ATOM   384 C CE3 . TRP A 1 50 ? 0.180   6.646   -5.076  1.00 20.33 ? 55  TRP I CE3 1 
ATOM   385 C CZ2 . TRP A 1 50 ? -0.160  5.732   -7.725  1.00 20.72 ? 55  TRP I CZ2 1 
ATOM   386 C CZ3 . TRP A 1 50 ? 1.095   6.967   -6.066  1.00 20.99 ? 55  TRP I CZ3 1 
ATOM   387 C CH2 . TRP A 1 50 ? 0.918   6.531   -7.381  1.00 21.17 ? 55  TRP I CH2 1 
ATOM   388 N N   . SER A 1 51 ? -1.501  8.373   -2.296  1.00 20.40 ? 56  SER I N   1 
ATOM   389 C CA  . SER A 1 51 ? -0.768  9.630   -2.512  1.00 22.28 ? 56  SER I CA  1 
ATOM   390 C C   . SER A 1 51 ? 0.618   9.510   -1.930  1.00 21.82 ? 56  SER I C   1 
ATOM   391 O O   . SER A 1 51 ? 0.781   9.192   -0.757  1.00 21.60 ? 56  SER I O   1 
ATOM   392 C CB  . SER A 1 51 ? -1.498  10.781  -1.891  1.00 26.30 ? 56  SER I CB  1 
ATOM   393 O OG  . SER A 1 51 ? -0.902  12.000  -2.296  1.00 31.68 ? 56  SER I OG  1 
ATOM   394 N N   . PRO A 1 52 ? 1.658   9.807   -2.715  1.00 21.14 ? 57  PRO I N   1 
ATOM   395 C CA  . PRO A 1 52 ? 3.014   9.743   -2.193  1.00 20.79 ? 57  PRO I CA  1 
ATOM   396 C C   . PRO A 1 52 ? 3.264   10.941  -1.282  1.00 22.61 ? 57  PRO I C   1 
ATOM   397 O O   . PRO A 1 52 ? 2.622   11.968  -1.446  1.00 25.29 ? 57  PRO I O   1 
ATOM   398 C CB  . PRO A 1 52 ? 3.920   9.811   -3.425  1.00 22.87 ? 57  PRO I CB  1 
ATOM   399 C CG  . PRO A 1 52 ? 3.029   10.123  -4.581  1.00 23.10 ? 57  PRO I CG  1 
ATOM   400 C CD  . PRO A 1 52 ? 1.597   10.204  -4.122  1.00 21.81 ? 57  PRO I CD  1 
ATOM   401 N N   . THR A 1 53 ? 4.195   10.784  -0.361  1.00 22.23 ? 58  THR I N   1 
ATOM   402 C CA  . THR A 1 53 ? 4.670   11.864  0.533   1.00 24.60 ? 58  THR I CA  1 
ATOM   403 C C   . THR A 1 53 ? 6.172   11.875  0.391   1.00 23.24 ? 58  THR I C   1 
ATOM   404 O O   . THR A 1 53 ? 6.763   10.988  -0.219  1.00 22.26 ? 58  THR I O   1 
ATOM   405 C CB  . THR A 1 53 ? 4.220   11.622  1.974   1.00 24.85 ? 58  THR I CB  1 
ATOM   406 O OG1 . THR A 1 53 ? 5.073   10.583  2.470   1.00 25.85 ? 58  THR I OG1 1 
ATOM   407 C CG2 . THR A 1 53 ? 2.746   11.279  2.071   1.00 26.64 ? 58  THR I CG2 1 
ATOM   408 N N   . PRO A 1 54 ? 6.856   12.880  0.967   1.00 26.06 ? 59  PRO I N   1 
ATOM   409 C CA  . PRO A 1 54 ? 8.296   12.966  0.785   1.00 26.84 ? 59  PRO I CA  1 
ATOM   410 C C   . PRO A 1 54 ? 9.053   11.729  1.282   1.00 28.25 ? 59  PRO I C   1 
ATOM   411 O O   . PRO A 1 54 ? 10.093  11.416  0.750   1.00 29.85 ? 59  PRO I O   1 
ATOM   412 C CB  . PRO A 1 54 ? 8.613   14.228  1.592   1.00 26.98 ? 59  PRO I CB  1 
ATOM   413 C CG  . PRO A 1 54 ? 7.356   15.042  1.450   1.00 26.92 ? 59  PRO I CG  1 
ATOM   414 C CD  . PRO A 1 54 ? 6.303   13.991  1.737   1.00 26.65 ? 59  PRO I CD  1 
ATOM   415 N N   . ASP A 1 55 ? 8.500   11.045  2.276   1.00 24.64 ? 60  ASP I N   1 
ATOM   416 C CA  . ASP A 1 55 ? 9.176   9.965   3.017   1.00 22.67 ? 60  ASP I CA  1 
ATOM   417 C C   . ASP A 1 55 ? 8.320   8.708   3.058   1.00 20.80 ? 60  ASP I C   1 
ATOM   418 O O   . ASP A 1 55 ? 8.615   7.852   3.897   1.00 21.68 ? 60  ASP I O   1 
ATOM   419 C CB  . ASP A 1 55 ? 9.451   10.408  4.452   1.00 21.74 ? 60  ASP I CB  1 
ATOM   420 C CG  . ASP A 1 55 ? 8.206   10.838  5.226   1.00 23.91 ? 60  ASP I CG  1 
ATOM   421 O OD1 . ASP A 1 55 ? 7.138   10.968  4.620   1.00 23.59 ? 60  ASP I OD1 1 
ATOM   422 O OD2 . ASP A 1 55 ? 8.331   10.968  6.441   1.00 29.47 ? 60  ASP I OD2 1 
ATOM   423 N N   . GLY A 1 56 ? 7.288   8.623   2.215   1.00 19.89 ? 61  GLY I N   1 
ATOM   424 C CA  . GLY A 1 56 ? 6.372   7.495   2.396   1.00 20.02 ? 61  GLY I CA  1 
ATOM   425 C C   . GLY A 1 56 ? 5.182   7.597   1.475   1.00 19.39 ? 61  GLY I C   1 
ATOM   426 O O   . GLY A 1 56 ? 5.280   8.210   0.378   1.00 20.24 ? 61  GLY I O   1 
ATOM   427 N N   . LEU A 1 57 ? 4.120   6.907   1.854   1.00 19.67 ? 62  LEU I N   1 
ATOM   428 C CA  . LEU A 1 57 ? 2.964   6.741   0.985   1.00 18.35 ? 62  LEU I CA  1 
ATOM   429 C C   . LEU A 1 57 ? 1.700   6.691   1.831   1.00 17.36 ? 62  LEU I C   1 
ATOM   430 O O   . LEU A 1 57 ? 1.690   5.982   2.851   1.00 18.42 ? 62  LEU I O   1 
ATOM   431 C CB  . LEU A 1 57 ? 3.150   5.438   0.216   1.00 18.63 ? 62  LEU I CB  1 
ATOM   432 C CG  . LEU A 1 57 ? 2.015   5.043   -0.730  1.00 20.75 ? 62  LEU I CG  1 
ATOM   433 C CD1 . LEU A 1 57 ? 1.938   6.043   -1.865  1.00 24.19 ? 62  LEU I CD1 1 
ATOM   434 C CD2 . LEU A 1 57 ? 2.214   3.659   -1.314  1.00 23.07 ? 62  LEU I CD2 1 
ATOM   435 N N   . LEU A 1 58 ? 0.635   7.337   1.377   1.00 19.35 ? 63  LEU I N   1 
ATOM   436 C CA  . LEU A 1 58 ? -0.687  7.263   2.035   1.00 19.34 ? 63  LEU I CA  1 
ATOM   437 C C   . LEU A 1 58 ? -1.603  6.405   1.194   1.00 19.68 ? 63  LEU I C   1 
ATOM   438 O O   . LEU A 1 58 ? -1.710  6.684   0.014   1.00 20.40 ? 63  LEU I O   1 
ATOM   439 C CB  . LEU A 1 58 ? -1.315  8.644   2.150   1.00 20.72 ? 63  LEU I CB  1 
ATOM   440 C CG  . LEU A 1 58 ? -0.750  9.531   3.237   1.00 22.44 ? 63  LEU I CG  1 
ATOM   441 C CD1 . LEU A 1 58 ? -1.225  10.944  2.995   1.00 22.18 ? 63  LEU I CD1 1 
ATOM   442 C CD2 . LEU A 1 58 ? -1.174  9.087   4.632   1.00 23.44 ? 63  LEU I CD2 1 
ATOM   443 N N   . LEU A 1 59 ? -2.193  5.414   1.815   1.00 19.32 ? 64  LEU I N   1 
ATOM   444 C CA  . LEU A 1 59 ? -3.343  4.686   1.262   1.00 18.43 ? 64  LEU I CA  1 
ATOM   445 C C   . LEU A 1 59 ? -4.575  5.331   1.883   1.00 18.89 ? 64  LEU I C   1 
ATOM   446 O O   . LEU A 1 59 ? -4.592  5.522   3.109   1.00 19.71 ? 64  LEU I O   1 
ATOM   447 C CB  . LEU A 1 59 ? -3.263  3.213   1.627   1.00 20.03 ? 64  LEU I CB  1 
ATOM   448 C CG  . LEU A 1 59 ? -1.956  2.484   1.306   1.00 21.86 ? 64  LEU I CG  1 
ATOM   449 C CD1 . LEU A 1 59 ? -2.108  1.018   1.626   1.00 23.46 ? 64  LEU I CD1 1 
ATOM   450 C CD2 . LEU A 1 59 ? -1.548  2.706   -0.144  1.00 24.25 ? 64  LEU I CD2 1 
ATOM   451 N N   . ILE A 1 60 ? -5.550  5.673   1.052   1.00 19.03 ? 65  ILE I N   1 
ATOM   452 C CA  . ILE A 1 60 ? -6.672  6.545   1.476   1.00 18.14 ? 65  ILE I CA  1 
ATOM   453 C C   . ILE A 1 60 ? -7.975  5.812   1.198   1.00 20.98 ? 65  ILE I C   1 
ATOM   454 O O   . ILE A 1 60 ? -8.107  5.279   0.112   1.00 22.27 ? 65  ILE I O   1 
ATOM   455 C CB  . ILE A 1 60 ? -6.552  7.874   0.741   1.00 20.64 ? 65  ILE I CB  1 
ATOM   456 C CG1 . ILE A 1 60 ? -5.201  8.532   1.062   1.00 20.91 ? 65  ILE I CG1 1 
ATOM   457 C CG2 . ILE A 1 60 ? -7.686  8.801   1.140   1.00 20.85 ? 65  ILE I CG2 1 
ATOM   458 C CD1 . ILE A 1 60 ? -4.896  9.768   0.231   1.00 23.66 ? 65  ILE I CD1 1 
ATOM   459 N N   . GLY A 1 61 ? -8.917  5.892   2.132   1.00 21.36 ? 66  GLY I N   1 
ATOM   460 C CA  . GLY A 1 61 ? -10.207 5.205   1.999   1.00 21.90 ? 66  GLY I CA  1 
ATOM   461 C C   . GLY A 1 61 ? -11.195 6.039   1.222   1.00 24.33 ? 66  GLY I C   1 
ATOM   462 O O   . GLY A 1 61 ? -10.891 7.154   0.763   1.00 23.17 ? 66  GLY I O   1 
ATOM   463 N N   . LYS A 1 62 ? -12.404 5.503   1.042   1.00 25.82 ? 67  LYS I N   1 
ATOM   464 C CA  . LYS A 1 62 ? -13.363 6.117   0.103   1.00 27.09 ? 67  LYS I CA  1 
ATOM   465 C C   . LYS A 1 62 ? -13.791 7.505   0.594   1.00 26.42 ? 67  LYS I C   1 
ATOM   466 O O   . LYS A 1 62 ? -14.156 8.343   -0.252  1.00 31.76 ? 67  LYS I O   1 
ATOM   467 C CB  . LYS A 1 62 ? -14.601 5.231   -0.087  1.00 30.64 ? 67  LYS I CB  1 
ATOM   468 C CG  . LYS A 1 62 ? -15.497 5.690   -1.229  1.00 36.89 ? 67  LYS I CG  1 
ATOM   469 C CD  . LYS A 1 62 ? -16.722 4.825   -1.474  1.00 43.66 ? 67  LYS I CD  1 
ATOM   470 C CE  . LYS A 1 62 ? -16.400 3.355   -1.649  1.00 46.95 ? 67  LYS I CE  1 
ATOM   471 N NZ  . LYS A 1 62 ? -17.347 2.705   -2.589  1.00 48.86 ? 67  LYS I NZ  1 
ATOM   472 N N   . ASP A 1 63 ? -13.710 7.758   1.892   1.00 24.27 ? 68  ASP I N   1 
ATOM   473 C CA  . ASP A 1 63 ? -14.218 9.011   2.498   1.00 25.44 ? 68  ASP I CA  1 
ATOM   474 C C   . ASP A 1 63 ? -13.090 10.006  2.616   1.00 25.86 ? 68  ASP I C   1 
ATOM   475 O O   . ASP A 1 63 ? -13.321 11.117  3.115   1.00 27.77 ? 68  ASP I O   1 
ATOM   476 C CB  . ASP A 1 63 ? -14.802 8.699   3.864   1.00 27.19 ? 68  ASP I CB  1 
ATOM   477 C CG  . ASP A 1 63 ? -13.748 8.275   4.858   1.00 30.29 ? 68  ASP I CG  1 
ATOM   478 O OD1 . ASP A 1 63 ? -12.720 7.703   4.426   1.00 27.95 ? 68  ASP I OD1 1 
ATOM   479 O OD2 . ASP A 1 63 ? -13.968 8.525   6.054   1.00 31.62 ? 68  ASP I OD2 1 
ATOM   480 N N   . GLY A 1 64 ? -11.906 9.632   2.161   1.00 24.42 ? 69  GLY I N   1 
ATOM   481 C CA  . GLY A 1 64 ? -10.783 10.569  2.125   1.00 22.54 ? 69  GLY I CA  1 
ATOM   482 C C   . GLY A 1 64 ? -9.964  10.442  3.377   1.00 23.57 ? 69  GLY I C   1 
ATOM   483 O O   . GLY A 1 64 ? -8.957  11.145  3.446   1.00 24.46 ? 69  GLY I O   1 
ATOM   484 N N   . SER A 1 65 ? -10.291 9.492   4.266   1.00 24.61 ? 70  SER I N   1 
ATOM   485 C CA  . SER A 1 65 ? -9.529  9.285   5.522   1.00 26.31 ? 70  SER I CA  1 
ATOM   486 C C   . SER A 1 65 ? -8.413  8.256   5.319   1.00 23.17 ? 70  SER I C   1 
ATOM   487 O O   . SER A 1 65 ? -8.418  7.513   4.355   1.00 22.36 ? 70  SER I O   1 
ATOM   488 C CB  . SER A 1 65 ? -10.389 8.865   6.653   1.00 31.33 ? 70  SER I CB  1 
ATOM   489 O OG  . SER A 1 65 ? -10.627 7.490   6.546   1.00 40.48 ? 70  SER I OG  1 
ATOM   490 N N   . GLN A 1 66 ? -7.433  8.299   6.200   1.00 22.79 ? 71  GLN I N   1 
ATOM   491 C CA  . GLN A 1 66 ? -6.221  7.471   6.088   1.00 22.81 ? 71  GLN I CA  1 
ATOM   492 C C   . GLN A 1 66 ? -6.601  6.012   6.313   1.00 23.11 ? 71  GLN I C   1 
ATOM   493 O O   . GLN A 1 66 ? -7.141  5.650   7.366   1.00 23.78 ? 71  GLN I O   1 
ATOM   494 C CB  . GLN A 1 66 ? -5.162  7.958   7.079   1.00 22.55 ? 71  GLN I CB  1 
ATOM   495 C CG  . GLN A 1 66 ? -3.873  7.144   7.093   1.00 22.86 ? 71  GLN I CG  1 
ATOM   496 C CD  . GLN A 1 66 ? -2.804  7.843   7.897   1.00 21.97 ? 71  GLN I CD  1 
ATOM   497 O OE1 . GLN A 1 66 ? -2.003  7.232   8.610   1.00 23.70 ? 71  GLN I OE1 1 
ATOM   498 N NE2 . GLN A 1 66 ? -2.783  9.145   7.752   1.00 22.05 ? 71  GLN I NE2 1 
ATOM   499 N N   . SER A 1 67 ? -6.255  5.164   5.347   1.00 21.41 ? 72  SER I N   1 
ATOM   500 C CA  . SER A 1 67 ? -6.260  3.701   5.538   1.00 21.98 ? 72  SER I CA  1 
ATOM   501 C C   . SER A 1 67 ? -4.915  3.249   6.130   1.00 23.04 ? 72  SER I C   1 
ATOM   502 O O   . SER A 1 67 ? -4.889  2.380   7.048   1.00 24.56 ? 72  SER I O   1 
ATOM   503 C CB  . SER A 1 67 ? -6.581  2.979   4.244   1.00 23.37 ? 72  SER I CB  1 
ATOM   504 O OG  . SER A 1 67 ? -6.236  1.622   4.412   1.00 32.56 ? 72  SER I OG  1 
ATOM   505 N N   . LEU A 1 68 ? -3.802  3.832   5.658   1.00 20.14 ? 73  LEU I N   1 
ATOM   506 C CA  . LEU A 1 68 ? -2.475  3.501   6.233   1.00 19.89 ? 73  LEU I CA  1 
ATOM   507 C C   . LEU A 1 68 ? -1.466  4.506   5.694   1.00 19.95 ? 73  LEU I C   1 
ATOM   508 O O   . LEU A 1 68 ? -1.537  4.887   4.521   1.00 20.92 ? 73  LEU I O   1 
ATOM   509 C CB  . LEU A 1 68 ? -2.064  2.087   5.850   1.00 20.58 ? 73  LEU I CB  1 
ATOM   510 C CG  . LEU A 1 68 ? -0.876  1.517   6.611   1.00 23.76 ? 73  LEU I CG  1 
ATOM   511 C CD1 . LEU A 1 68 ? -1.227  1.302   8.062   1.00 26.59 ? 73  LEU I CD1 1 
ATOM   512 C CD2 . LEU A 1 68 ? -0.391  0.220   5.968   1.00 24.28 ? 73  LEU I CD2 1 
ATOM   513 N N   . PHE A 1 69 ? -0.494  4.839   6.508   1.00 18.22 ? 74  PHE I N   1 
ATOM   514 C CA  . PHE A 1 69 ? 0.739   5.527   6.102   1.00 18.64 ? 74  PHE I CA  1 
ATOM   515 C C   . PHE A 1 69 ? 1.853   4.494   6.138   1.00 19.00 ? 74  PHE I C   1 
ATOM   516 O O   . PHE A 1 69 ? 2.032   3.829   7.180   1.00 19.41 ? 74  PHE I O   1 
ATOM   517 C CB  . PHE A 1 69 ? 1.082   6.702   7.013   1.00 19.28 ? 74  PHE I CB  1 
ATOM   518 C CG  . PHE A 1 69 ? 2.427   7.288   6.661   1.00 19.51 ? 74  PHE I CG  1 
ATOM   519 C CD1 . PHE A 1 69 ? 2.595   8.026   5.499   1.00 22.25 ? 74  PHE I CD1 1 
ATOM   520 C CD2 . PHE A 1 69 ? 3.518   7.057   7.462   1.00 21.46 ? 74  PHE I CD2 1 
ATOM   521 C CE1 . PHE A 1 69 ? 3.821   8.553   5.164   1.00 20.70 ? 74  PHE I CE1 1 
ATOM   522 C CE2 . PHE A 1 69 ? 4.749   7.578   7.122   1.00 21.77 ? 74  PHE I CE2 1 
ATOM   523 C CZ  . PHE A 1 69 ? 4.892   8.316   5.985   1.00 19.99 ? 74  PHE I CZ  1 
ATOM   524 N N   . LEU A 1 70 ? 2.617   4.398   5.056   1.00 17.85 ? 75  LEU I N   1 
ATOM   525 C CA  . LEU A 1 70 ? 3.804   3.507   5.009   1.00 20.02 ? 75  LEU I CA  1 
ATOM   526 C C   . LEU A 1 70 ? 5.057   4.352   4.801   1.00 19.49 ? 75  LEU I C   1 
ATOM   527 O O   . LEU A 1 70 ? 5.054   5.248   3.959   1.00 20.93 ? 75  LEU I O   1 
ATOM   528 C CB  . LEU A 1 70 ? 3.695   2.490   3.877   1.00 21.27 ? 75  LEU I CB  1 
ATOM   529 C CG  . LEU A 1 70 ? 2.428   1.628   3.879   1.00 19.49 ? 75  LEU I CG  1 
ATOM   530 C CD1 . LEU A 1 70 ? 1.277   2.199   3.053   1.00 18.93 ? 75  LEU I CD1 1 
ATOM   531 C CD2 . LEU A 1 70 ? 2.739   0.213   3.395   1.00 20.63 ? 75  LEU I CD2 1 
ATOM   532 N N   . GLU A 1 71 ? 6.092   4.006   5.523   1.00 20.70 ? 76  GLU I N   1 
ATOM   533 C CA  . GLU A 1 71 ? 7.407   4.672   5.373   1.00 23.86 ? 76  GLU I CA  1 
ATOM   534 C C   . GLU A 1 71 ? 8.153   4.058   4.190   1.00 20.55 ? 76  GLU I C   1 
ATOM   535 O O   . GLU A 1 71 ? 8.185   2.842   4.051   1.00 20.87 ? 76  GLU I O   1 
ATOM   536 C CB  . GLU A 1 71 ? 8.131   4.496   6.701   1.00 26.31 ? 76  GLU I CB  1 
ATOM   537 C CG  . GLU A 1 71 ? 9.476   5.146   6.827   1.00 36.68 ? 76  GLU I CG  1 
ATOM   538 C CD  . GLU A 1 71 ? 9.985   5.058   8.265   1.00 42.95 ? 76  GLU I CD  1 
ATOM   539 O OE1 . GLU A 1 71 ? 9.464   4.206   9.046   1.00 37.54 ? 76  GLU I OE1 1 
ATOM   540 O OE2 . GLU A 1 71 ? 10.886  5.863   8.615   1.00 56.90 ? 76  GLU I OE2 1 
ATOM   541 N N   . LEU A 1 72 ? 8.843   4.896   3.434   1.00 20.99 ? 77  LEU I N   1 
ATOM   542 C CA  . LEU A 1 72 ? 9.778   4.487   2.373   1.00 20.00 ? 77  LEU I CA  1 
ATOM   543 C C   . LEU A 1 72 ? 10.996  3.904   3.054   1.00 23.71 ? 77  LEU I C   1 
ATOM   544 O O   . LEU A 1 72 ? 11.551  4.600   3.959   1.00 25.04 ? 77  LEU I O   1 
ATOM   545 C CB  . LEU A 1 72 ? 10.141  5.725   1.565   1.00 22.38 ? 77  LEU I CB  1 
ATOM   546 C CG  . LEU A 1 72 ? 11.050  5.498   0.373   1.00 24.85 ? 77  LEU I CG  1 
ATOM   547 C CD1 . LEU A 1 72 ? 10.528  4.456   -0.577  1.00 26.22 ? 77  LEU I CD1 1 
ATOM   548 C CD2 . LEU A 1 72 ? 11.249  6.837   -0.316  1.00 27.59 ? 77  LEU I CD2 1 
ATOM   549 N N   . ARG A 1 73 ? 11.375  2.678   2.695   1.00 22.60 ? 78  ARG I N   1 
ATOM   550 C CA  . ARG A 1 73 ? 12.533  2.025   3.361   1.00 25.97 ? 78  ARG I CA  1 
ATOM   551 C C   . ARG A 1 73 ? 13.759  2.084   2.457   1.00 30.97 ? 78  ARG I C   1 
ATOM   552 O O   . ARG A 1 73 ? 14.849  2.303   2.946   1.00 34.47 ? 78  ARG I O   1 
ATOM   553 C CB  . ARG A 1 73 ? 12.165  0.615   3.813   1.00 30.30 ? 78  ARG I CB  1 
ATOM   554 C CG  . ARG A 1 73 ? 11.101  0.593   4.902   1.00 34.42 ? 78  ARG I CG  1 
ATOM   555 C CD  . ARG A 1 73 ? 11.569  0.270   6.321   1.00 44.64 ? 78  ARG I CD  1 
ATOM   556 N NE  . ARG A 1 73 ? 12.796  0.944   6.667   1.00 51.91 ? 78  ARG I NE  1 
ATOM   557 C CZ  . ARG A 1 73 ? 12.884  2.214   7.022   1.00 60.23 ? 78  ARG I CZ  1 
ATOM   558 N NH1 . ARG A 1 73 ? 11.792  2.953   7.109   1.00 64.52 ? 78  ARG I NH1 1 
ATOM   559 N NH2 . ARG A 1 73 ? 14.066  2.748   7.283   1.00 63.85 ? 78  ARG I NH2 1 
ATOM   560 N N   . GLU A 1 74 ? 13.576  1.898   1.178   1.00 27.28 ? 79  GLU I N   1 
ATOM   561 C CA  . GLU A 1 74 ? 14.643  1.748   0.169   1.00 30.43 ? 79  GLU I CA  1 
ATOM   562 C C   . GLU A 1 74 ? 13.904  1.671   -1.147  1.00 28.71 ? 79  GLU I C   1 
ATOM   563 O O   . GLU A 1 74 ? 12.665  1.544   -1.135  1.00 24.74 ? 79  GLU I O   1 
ATOM   564 C CB  . GLU A 1 74 ? 15.449  0.467   0.312   1.00 31.23 ? 79  GLU I CB  1 
ATOM   565 C CG  . GLU A 1 74 ? 14.590  -0.723  0.011   1.00 36.01 ? 79  GLU I CG  1 
ATOM   566 C CD  . GLU A 1 74 ? 15.223  -2.076  0.179   1.00 42.14 ? 79  GLU I CD  1 
ATOM   567 O OE1 . GLU A 1 74 ? 14.663  -2.892  0.944   1.00 49.69 ? 79  GLU I OE1 1 
ATOM   568 O OE2 . GLU A 1 74 ? 16.243  -2.316  -0.497  1.00 58.47 ? 79  GLU I OE2 1 
ATOM   569 N N   . ALA A 1 75 ? 14.625  1.743   -2.241  1.00 24.20 ? 80  ALA I N   1 
ATOM   570 C CA  . ALA A 1 75 ? 14.004  1.813   -3.567  1.00 22.46 ? 80  ALA I CA  1 
ATOM   571 C C   . ALA A 1 75 ? 12.978  0.688   -3.719  1.00 21.09 ? 80  ALA I C   1 
ATOM   572 O O   . ALA A 1 75 ? 13.336  -0.471  -3.553  1.00 22.15 ? 80  ALA I O   1 
ATOM   573 C CB  . ALA A 1 75 ? 15.085  1.704   -4.614  1.00 24.75 ? 80  ALA I CB  1 
ATOM   574 N N   . GLY A 1 76 ? 11.738  1.066   -4.030  1.00 21.64 ? 81  GLY I N   1 
ATOM   575 C CA  . GLY A 1 76 ? 10.694  0.079   -4.339  1.00 21.66 ? 81  GLY I CA  1 
ATOM   576 C C   . GLY A 1 76 ? 10.225  -0.677  -3.116  1.00 19.24 ? 81  GLY I C   1 
ATOM   577 O O   . GLY A 1 76 ? 9.731   -1.776  -3.289  1.00 20.92 ? 81  GLY I O   1 
ATOM   578 N N   . ARG A 1 77 ? 10.338  -0.128  -1.914  1.00 21.48 ? 82  ARG I N   1 
ATOM   579 C CA  . ARG A 1 77 ? 9.807   -0.817  -0.708  1.00 19.46 ? 82  ARG I CA  1 
ATOM   580 C C   . ARG A 1 77 ? 9.258   0.187   0.297   1.00 19.79 ? 82  ARG I C   1 
ATOM   581 O O   . ARG A 1 77 ? 9.985   1.136   0.659   1.00 22.81 ? 82  ARG I O   1 
ATOM   582 C CB  . ARG A 1 77 ? 10.905  -1.629  -0.012  1.00 22.06 ? 82  ARG I CB  1 
ATOM   583 C CG  . ARG A 1 77 ? 10.433  -2.409  1.209   1.00 25.28 ? 82  ARG I CG  1 
ATOM   584 C CD  . ARG A 1 77 ? 11.609  -3.123  1.864   1.00 30.50 ? 82  ARG I CD  1 
ATOM   585 N NE  . ARG A 1 77 ? 11.197  -3.897  3.023   1.00 33.27 ? 82  ARG I NE  1 
ATOM   586 C CZ  . ARG A 1 77 ? 10.920  -5.200  3.025   1.00 35.66 ? 82  ARG I CZ  1 
ATOM   587 N NH1 . ARG A 1 77 ? 10.991  -5.920  1.921   1.00 39.81 ? 82  ARG I NH1 1 
ATOM   588 N NH2 . ARG A 1 77 ? 10.558  -5.779  4.146   1.00 34.27 ? 82  ARG I NH2 1 
ATOM   589 N N   . TYR A 1 78 ? 8.028   -0.038  0.733   1.00 18.28 ? 83  TYR I N   1 
ATOM   590 C CA  . TYR A 1 78 ? 7.419   0.706   1.858   1.00 20.18 ? 83  TYR I CA  1 
ATOM   591 C C   . TYR A 1 78 ? 6.998   -0.277  2.936   1.00 19.38 ? 83  TYR I C   1 
ATOM   592 O O   . TYR A 1 78 ? 6.684   -1.418  2.639   1.00 19.13 ? 83  TYR I O   1 
ATOM   593 C CB  . TYR A 1 78 ? 6.187   1.479   1.411   1.00 18.11 ? 83  TYR I CB  1 
ATOM   594 C CG  . TYR A 1 78 ? 6.387   2.543   0.379   1.00 18.31 ? 83  TYR I CG  1 
ATOM   595 C CD1 . TYR A 1 78 ? 6.243   2.245   -0.953  1.00 20.62 ? 83  TYR I CD1 1 
ATOM   596 C CD2 . TYR A 1 78 ? 6.644   3.840   0.746   1.00 19.66 ? 83  TYR I CD2 1 
ATOM   597 C CE1 . TYR A 1 78 ? 6.365   3.230   -1.921  1.00 19.25 ? 83  TYR I CE1 1 
ATOM   598 C CE2 . TYR A 1 78 ? 6.803   4.824   -0.201  1.00 18.21 ? 83  TYR I CE2 1 
ATOM   599 C CZ  . TYR A 1 78 ? 6.661   4.515   -1.542  1.00 19.91 ? 83  TYR I CZ  1 
ATOM   600 O OH  . TYR A 1 78 ? 6.809   5.440   -2.530  1.00 20.75 ? 83  TYR I OH  1 
ATOM   601 N N   . GLU A 1 79 ? 6.993   0.184   4.195   1.00 18.47 ? 84  GLU I N   1 
ATOM   602 C CA  . GLU A 1 79 ? 6.514   -0.613  5.345   1.00 19.70 ? 84  GLU I CA  1 
ATOM   603 C C   . GLU A 1 79 ? 5.630   0.245   6.249   1.00 20.58 ? 84  GLU I C   1 
ATOM   604 O O   . GLU A 1 79 ? 6.019   1.373   6.525   1.00 19.54 ? 84  GLU I O   1 
ATOM   605 C CB  . GLU A 1 79 ? 7.700   -1.131  6.146   1.00 22.61 ? 84  GLU I CB  1 
ATOM   606 C CG  . GLU A 1 79 ? 8.485   -2.160  5.397   1.00 26.63 ? 84  GLU I CG  1 
ATOM   607 C CD  . GLU A 1 79 ? 9.748   -2.551  6.128   1.00 33.48 ? 84  GLU I CD  1 
ATOM   608 O OE1 . GLU A 1 79 ? 9.940   -2.053  7.259   1.00 35.58 ? 84  GLU I OE1 1 
ATOM   609 O OE2 . GLU A 1 79 ? 10.570  -3.266  5.538   1.00 36.18 ? 84  GLU I OE2 1 
ATOM   610 N N   . GLY A 1 80 ? 4.464   -0.262  6.630   1.00 20.35 ? 85  GLY I N   1 
ATOM   611 C CA  . GLY A 1 80 ? 3.540   0.503   7.461   1.00 22.05 ? 85  GLY I CA  1 
ATOM   612 C C   . GLY A 1 80 ? 3.115   -0.300  8.663   1.00 22.96 ? 85  GLY I C   1 
ATOM   613 O O   . GLY A 1 80 ? 2.898   -1.523  8.555   1.00 22.89 ? 85  GLY I O   1 
ATOM   614 N N   . SER A 1 81 ? 3.025   0.389   9.798   1.00 26.39 ? 86  SER I N   1 
ATOM   615 C CA  . SER A 1 81 ? 2.664   -0.191  11.106  1.00 29.69 ? 86  SER I CA  1 
ATOM   616 C C   . SER A 1 81 ? 1.159   -0.310  11.143  1.00 30.38 ? 86  SER I C   1 
ATOM   617 O O   . SER A 1 81 ? 0.500   0.730   11.170  1.00 37.04 ? 86  SER I O   1 
ATOM   618 C CB  . SER A 1 81 ? 3.125   0.664   12.232  1.00 37.07 ? 86  SER I CB  1 
ATOM   619 O OG  . SER A 1 81 ? 4.547   0.722   12.279  1.00 46.62 ? 86  SER I OG  1 
ATOM   620 N N   . VAL A 1 82 ? 0.662   -1.526  11.201  1.00 29.16 ? 87  VAL I N   1 
ATOM   621 C CA  . VAL A 1 82 ? -0.804  -1.769  11.262  1.00 33.69 ? 87  VAL I CA  1 
ATOM   622 C C   . VAL A 1 82 ? -1.217  -2.033  12.713  1.00 37.19 ? 87  VAL I C   1 
ATOM   623 O O   . VAL A 1 82 ? -0.400  -2.550  13.439  1.00 36.28 ? 87  VAL I O   1 
ATOM   624 C CB  . VAL A 1 82 ? -1.193  -2.930  10.348  1.00 30.90 ? 87  VAL I CB  1 
ATOM   625 C CG1 . VAL A 1 82 ? -2.681  -3.186  10.432  1.00 33.88 ? 87  VAL I CG1 1 
ATOM   626 C CG2 . VAL A 1 82 ? -0.800  -2.657  8.908   1.00 30.00 ? 87  VAL I CG2 1 
ATOM   627 N N   . GLU A 1 83 ? -2.468  -1.710  13.066  1.00 44.62 ? 88  GLU I N   1 
ATOM   628 C CA  . GLU A 1 83 ? -3.140  -2.118  14.338  1.00 48.18 ? 88  GLU I CA  1 
ATOM   629 C C   . GLU A 1 83 ? -2.927  -3.618  14.572  1.00 46.52 ? 88  GLU I C   1 
ATOM   630 O O   . GLU A 1 83 ? -2.894  -4.382  13.595  1.00 55.35 ? 88  GLU I O   1 
ATOM   631 C CB  . GLU A 1 83 ? -4.651  -1.864  14.295  1.00 52.88 ? 88  GLU I CB  1 
ATOM   632 C CG  . GLU A 1 83 ? -5.031  -0.422  13.989  1.00 54.73 ? 88  GLU I CG  1 
ATOM   633 C CD  . GLU A 1 83 ? -6.519  -0.120  14.068  1.00 55.29 ? 88  GLU I CD  1 
ATOM   634 O OE1 . GLU A 1 83 ? -7.000  0.181   15.188  1.00 58.84 ? 88  GLU I OE1 1 
ATOM   635 O OE2 . GLU A 1 83 ? -7.193  -0.184  13.007  1.00 49.26 ? 88  GLU I OE2 1 
ATOM   636 N N   . GLY A 1 84 ? -2.791  -4.024  15.832  1.00 51.79 ? 89  GLY I N   1 
ATOM   637 C CA  . GLY A 1 84 ? -2.443  -5.407  16.203  1.00 47.15 ? 89  GLY I CA  1 
ATOM   638 C C   . GLY A 1 84 ? -0.956  -5.660  16.050  1.00 46.50 ? 89  GLY I C   1 
ATOM   639 O O   . GLY A 1 84 ? -0.590  -6.837  15.931  1.00 47.68 ? 89  GLY I O   1 
ATOM   640 N N   . SER A 1 85 ? -0.138  -4.589  16.054  1.00 46.88 ? 90  SER I N   1 
ATOM   641 C CA  . SER A 1 85 ? 1.353   -4.606  15.961  1.00 46.90 ? 90  SER I CA  1 
ATOM   642 C C   . SER A 1 85 ? 1.836   -5.477  14.792  1.00 50.80 ? 90  SER I C   1 
ATOM   643 O O   . SER A 1 85 ? 2.804   -6.251  14.948  1.00 44.21 ? 90  SER I O   1 
ATOM   644 C CB  . SER A 1 85 ? 1.979   -5.023  17.259  1.00 55.06 ? 90  SER I CB  1 
ATOM   645 O OG  . SER A 1 85 ? 2.661   -3.922  17.832  1.00 60.90 ? 90  SER I OG  1 
ATOM   646 N N   . LYS A 1 86 ? 1.186   -5.343  13.647  1.00 45.51 ? 91  LYS I N   1 
ATOM   647 C CA  . LYS A 1 86 ? 1.609   -6.024  12.405  1.00 41.08 ? 91  LYS I CA  1 
ATOM   648 C C   . LYS A 1 86 ? 2.342   -4.983  11.538  1.00 33.72 ? 91  LYS I C   1 
ATOM   649 O O   . LYS A 1 86 ? 2.179   -3.772  11.804  1.00 32.94 ? 91  LYS I O   1 
ATOM   650 C CB  . LYS A 1 86 ? 0.365   -6.655  11.779  1.00 45.85 ? 91  LYS I CB  1 
ATOM   651 C CG  . LYS A 1 86 ? -0.262  -7.756  12.629  1.00 53.40 ? 91  LYS I CG  1 
ATOM   652 C CD  . LYS A 1 86 ? 0.566   -9.031  12.632  1.00 59.95 ? 91  LYS I CD  1 
ATOM   653 C CE  . LYS A 1 86 ? 0.539   -9.788  13.946  1.00 65.41 ? 91  LYS I CE  1 
ATOM   654 N NZ  . LYS A 1 86 ? 1.599   -10.826 13.978  1.00 67.91 ? 91  LYS I NZ  1 
ATOM   655 N N   . THR A 1 87 ? 3.150   -5.446  10.578  1.00 29.00 ? 92  THR I N   1 
ATOM   656 C CA  . THR A 1 87 ? 3.812   -4.594  9.552   1.00 24.33 ? 92  THR I CA  1 
ATOM   657 C C   . THR A 1 87 ? 3.311   -5.036  8.171   1.00 24.11 ? 92  THR I C   1 
ATOM   658 O O   . THR A 1 87 ? 3.386   -6.223  7.862   1.00 24.41 ? 92  THR I O   1 
ATOM   659 C CB  . THR A 1 87 ? 5.339   -4.650  9.583   1.00 24.38 ? 92  THR I CB  1 
ATOM   660 O OG1 . THR A 1 87 ? 5.649   -4.265  10.919  1.00 31.37 ? 92  THR I OG1 1 
ATOM   661 C CG2 . THR A 1 87 ? 5.986   -3.712  8.590   1.00 25.88 ? 92  THR I CG2 1 
ATOM   662 N N   . LEU A 1 88 ? 2.768   -4.102  7.416   1.00 21.74 ? 93  LEU I N   1 
ATOM   663 C CA  . LEU A 1 88 ? 2.383   -4.354  6.009   1.00 20.69 ? 93  LEU I CA  1 
ATOM   664 C C   . LEU A 1 88 ? 3.544   -3.890  5.169   1.00 21.02 ? 93  LEU I C   1 
ATOM   665 O O   . LEU A 1 88 ? 4.016   -2.746  5.342   1.00 21.14 ? 93  LEU I O   1 
ATOM   666 C CB  . LEU A 1 88 ? 1.123   -3.580  5.637   1.00 21.08 ? 93  LEU I CB  1 
ATOM   667 C CG  . LEU A 1 88 ? 0.608   -3.802  4.221   1.00 23.34 ? 93  LEU I CG  1 
ATOM   668 C CD1 . LEU A 1 88 ? 0.145   -5.219  4.030   1.00 27.54 ? 93  LEU I CD1 1 
ATOM   669 C CD2 . LEU A 1 88 ? -0.515  -2.847  3.911   1.00 23.54 ? 93  LEU I CD2 1 
ATOM   670 N N   . VAL A 1 89 ? 4.017   -4.790  4.343   1.00 21.71 ? 94  VAL I N   1 
ATOM   671 C CA  . VAL A 1 89 ? 5.143   -4.551  3.430   1.00 18.94 ? 94  VAL I CA  1 
ATOM   672 C C   . VAL A 1 89 ? 4.569   -4.402  2.033   1.00 19.53 ? 94  VAL I C   1 
ATOM   673 O O   . VAL A 1 89 ? 3.658   -5.173  1.661   1.00 19.79 ? 94  VAL I O   1 
ATOM   674 C CB  . VAL A 1 89 ? 6.122   -5.741  3.490   1.00 21.76 ? 94  VAL I CB  1 
ATOM   675 C CG1 . VAL A 1 89 ? 7.284   -5.539  2.539   1.00 25.34 ? 94  VAL I CG1 1 
ATOM   676 C CG2 . VAL A 1 89 ? 6.621   -5.960  4.917   1.00 23.31 ? 94  VAL I CG2 1 
ATOM   677 N N   . MET A 1 90 ? 5.075   -3.432  1.286   1.00 18.90 ? 95  MET I N   1 
ATOM   678 C CA  . MET A 1 90 ? 4.738   -3.340  -0.146  1.00 18.85 ? 95  MET I CA  1 
ATOM   679 C C   . MET A 1 90 ? 6.067   -3.207  -0.884  1.00 21.20 ? 95  MET I C   1 
ATOM   680 O O   . MET A 1 90 ? 6.923   -2.422  -0.493  1.00 20.29 ? 95  MET I O   1 
ATOM   681 C CB  . MET A 1 90 ? 3.698   -2.253  -0.460  1.00 25.92 ? 95  MET I CB  1 
ATOM   682 C CG  . MET A 1 90 ? 4.152   -0.935  -0.359  1.00 24.65 ? 95  MET I CG  1 
ATOM   683 S SD  . MET A 1 90 ? 2.734   0.235   -0.584  1.00 25.11 ? 95  MET I SD  1 
ATOM   684 C CE  . MET A 1 90 ? 2.651   0.435   -2.355  1.00 22.95 ? 95  MET I CE  1 
ATOM   685 N N   . GLN A 1 91 ? 6.270   -4.038  -1.878  1.00 19.99 ? 96  GLN I N   1 
ATOM   686 C CA  . GLN A 1 91 ? 7.558   -4.066  -2.594  1.00 21.12 ? 96  GLN I CA  1 
ATOM   687 C C   . GLN A 1 91 ? 7.241   -4.236  -4.057  1.00 20.41 ? 96  GLN I C   1 
ATOM   688 O O   . GLN A 1 91 ? 6.374   -5.035  -4.347  1.00 20.31 ? 96  GLN I O   1 
ATOM   689 C CB  . GLN A 1 91 ? 8.394   -5.282  -2.256  1.00 25.77 ? 96  GLN I CB  1 
ATOM   690 C CG  . GLN A 1 91 ? 8.981   -5.287  -0.878  1.00 35.18 ? 96  GLN I CG  1 
ATOM   691 C CD  . GLN A 1 91 ? 9.857   -6.514  -0.835  1.00 41.58 ? 96  GLN I CD  1 
ATOM   692 O OE1 . GLN A 1 91 ? 9.375   -7.637  -0.660  1.00 38.45 ? 96  GLN I OE1 1 
ATOM   693 N NE2 . GLN A 1 91 ? 11.142  -6.299  -1.095  1.00 46.25 ? 96  GLN I NE2 1 
ATOM   694 N N   . ARG A 1 92 ? 7.972   -3.568  -4.920  1.00 21.55 ? 97  ARG I N   1 
ATOM   695 C CA  . ARG A 1 92 ? 7.785   -3.801  -6.371  1.00 21.66 ? 97  ARG I CA  1 
ATOM   696 C C   . ARG A 1 92 ? 8.238   -5.220  -6.711  1.00 26.10 ? 97  ARG I C   1 
ATOM   697 O O   . ARG A 1 92 ? 9.215   -5.714  -6.123  1.00 31.00 ? 97  ARG I O   1 
ATOM   698 C CB  . ARG A 1 92 ? 8.550   -2.771  -7.191  1.00 22.08 ? 97  ARG I CB  1 
ATOM   699 C CG  . ARG A 1 92 ? 7.973   -1.369  -7.147  1.00 22.11 ? 97  ARG I CG  1 
ATOM   700 C CD  . ARG A 1 92 ? 8.740   -0.445  -8.031  1.00 22.17 ? 97  ARG I CD  1 
ATOM   701 N NE  . ARG A 1 92 ? 8.252   0.897   -8.156  1.00 22.04 ? 97  ARG I NE  1 
ATOM   702 C CZ  . ARG A 1 92 ? 7.332   1.325   -8.996  1.00 20.06 ? 97  ARG I CZ  1 
ATOM   703 N NH1 . ARG A 1 92 ? 6.631   0.507   -9.775  1.00 20.26 ? 97  ARG I NH1 1 
ATOM   704 N NH2 . ARG A 1 92 ? 7.086   2.612   -9.046  1.00 22.61 ? 97  ARG I NH2 1 
ATOM   705 N N   . ALA A 1 93 ? 7.580   -5.886  -7.644  1.00 27.31 ? 98  ALA I N   1 
ATOM   706 C CA  . ALA A 1 93 ? 7.934   -7.309  -7.930  1.00 47.37 ? 98  ALA I CA  1 
ATOM   707 C C   . ALA A 1 93 ? 7.782   -8.165  -6.659  1.00 55.54 ? 98  ALA I C   1 
ATOM   708 O O   . ALA A 1 93 ? 8.763   -8.535  -5.993  1.00 58.28 ? 98  ALA I O   1 
ATOM   709 C CB  . ALA A 1 93 ? 9.352   -7.418  -8.459  1.00 50.75 ? 98  ALA I CB  1 
HETATM 710 O O   . HOH B 2 .  ? -1.099  11.058  8.284   1.00 24.87 ? 101 HOH I O   1 
HETATM 711 O O   . HOH B 2 .  ? 0.494   -11.724 4.309   1.00 25.74 ? 102 HOH I O   1 
HETATM 712 O O   . HOH B 2 .  ? 6.729   -2.352  -10.207 1.00 21.79 ? 103 HOH I O   1 
HETATM 713 O O   . HOH B 2 .  ? -9.936  7.901   -1.667  1.00 29.77 ? 104 HOH I O   1 
HETATM 714 O O   . HOH B 2 .  ? -9.068  2.288   -6.644  1.00 23.45 ? 105 HOH I O   1 
HETATM 715 O O   . HOH B 2 .  ? 4.915   -6.457  -7.831  1.00 27.48 ? 106 HOH I O   1 
HETATM 716 O O   . HOH B 2 .  ? 7.012   8.053   -1.736  1.00 26.89 ? 107 HOH I O   1 
HETATM 717 O O   . HOH B 2 .  ? -7.091  0.907   7.918   1.00 32.70 ? 108 HOH I O   1 
HETATM 718 O O   . HOH B 2 .  ? 3.967   -8.172  10.802  1.00 32.72 ? 109 HOH I O   1 
HETATM 719 O O   . HOH B 2 .  ? -8.876  -3.898  -11.995 1.00 35.52 ? 110 HOH I O   1 
HETATM 720 O O   . HOH B 2 .  ? -4.571  11.241  8.325   1.00 23.56 ? 111 HOH I O   1 
HETATM 721 O O   . HOH B 2 .  ? 8.591   4.055   -4.247  1.00 27.63 ? 112 HOH I O   1 
HETATM 722 O O   . HOH B 2 .  ? -7.346  10.417  8.316   1.00 24.07 ? 113 HOH I O   1 
# 
